data_5QK5
#
_entry.id   5QK5
#
_cell.length_a   49.440
_cell.length_b   59.960
_cell.length_c   79.980
_cell.angle_alpha   79.360
_cell.angle_beta   81.220
_cell.angle_gamma   75.510
#
_symmetry.space_group_name_H-M   'P 1'
#
loop_
_entity.id
_entity.type
_entity.pdbx_description
1 polymer 'ADP-sugar pyrophosphatase'
2 non-polymer 'MAGNESIUM ION'
3 non-polymer 'CHLORIDE ION'
4 non-polymer N-ethyl-6-methylpyridazin-3-amine
5 non-polymer 1,2-ETHANEDIOL
6 water water
#
_entity_poly.entity_id   1
_entity_poly.type   'polypeptide(L)'
_entity_poly.pdbx_seq_one_letter_code
;SMESQEPTESSQNGKQYIISEELISEGKWVKLEKTTYMDPTGKTRTWESVKRTTRKEQTADGVAVIPVLQRTLHYECIVL
VKQFRPPMGGYCIEFPAGLIDDGETPEAAALRELEEETGYKGDIAECSPAVCMDPGLSNCTIHIVTVTINGDDAENARPK
PKPGDGEFVEVISLPKNDLLQRLDALVAEEHLTVDARVYSYALALKHAN
;
_entity_poly.pdbx_strand_id   A,B,C,D
#
loop_
_chem_comp.id
_chem_comp.type
_chem_comp.name
_chem_comp.formula
CL non-polymer 'CHLORIDE ION' 'Cl -1'
EDO non-polymer 1,2-ETHANEDIOL 'C2 H6 O2'
K3J non-polymer N-ethyl-6-methylpyridazin-3-amine 'C7 H11 N3'
MG non-polymer 'MAGNESIUM ION' 'Mg 2'
#
# COMPACT_ATOMS: atom_id res chain seq x y z
N LYS A 15 -18.44 21.74 -37.43
CA LYS A 15 -17.65 22.33 -38.55
C LYS A 15 -16.86 21.26 -39.30
N GLN A 16 -16.15 20.38 -38.60
CA GLN A 16 -15.32 19.37 -39.32
C GLN A 16 -16.00 18.02 -39.52
N TYR A 17 -15.70 17.40 -40.65
CA TYR A 17 -16.33 16.09 -40.99
C TYR A 17 -15.49 15.34 -41.97
N ILE A 18 -15.83 14.07 -42.10
CA ILE A 18 -15.11 13.17 -43.01
C ILE A 18 -15.64 13.39 -44.40
N ILE A 19 -14.74 13.50 -45.36
CA ILE A 19 -15.07 13.51 -46.82
C ILE A 19 -14.98 12.16 -47.47
N SER A 20 -13.90 11.43 -47.22
CA SER A 20 -13.78 10.09 -47.78
C SER A 20 -12.83 9.24 -46.96
N GLU A 21 -12.90 7.92 -47.10
CA GLU A 21 -12.00 7.00 -46.38
C GLU A 21 -11.55 5.98 -47.42
N GLU A 22 -10.28 6.03 -47.80
CA GLU A 22 -9.64 5.16 -48.83
C GLU A 22 -8.84 4.06 -48.17
N LEU A 23 -9.15 2.79 -48.46
CA LEU A 23 -8.38 1.69 -47.92
C LEU A 23 -6.97 1.77 -48.50
N ILE A 24 -5.95 1.71 -47.65
CA ILE A 24 -4.54 1.62 -48.07
C ILE A 24 -4.09 0.15 -48.01
N SER A 25 -4.19 -0.49 -46.84
CA SER A 25 -3.73 -1.87 -46.68
C SER A 25 -4.65 -2.60 -45.72
N GLU A 26 -5.17 -3.78 -46.07
CA GLU A 26 -6.11 -4.50 -45.20
C GLU A 26 -5.53 -5.86 -44.81
N GLY A 27 -5.31 -6.04 -43.50
CA GLY A 27 -4.93 -7.33 -42.96
C GLY A 27 -6.16 -8.10 -42.55
N LYS A 28 -5.93 -9.22 -41.87
CA LYS A 28 -7.01 -10.02 -41.32
C LYS A 28 -7.68 -9.37 -40.11
N TRP A 29 -6.90 -8.60 -39.36
CA TRP A 29 -7.32 -8.05 -38.07
C TRP A 29 -7.33 -6.52 -38.02
N VAL A 30 -6.51 -5.88 -38.86
CA VAL A 30 -6.27 -4.42 -38.83
C VAL A 30 -6.09 -3.93 -40.26
N LYS A 31 -6.53 -2.69 -40.49
CA LYS A 31 -6.40 -2.00 -41.75
C LYS A 31 -5.92 -0.57 -41.55
N LEU A 32 -5.30 -0.02 -42.59
CA LEU A 32 -4.81 1.34 -42.68
C LEU A 32 -5.64 2.06 -43.72
N GLU A 33 -6.08 3.28 -43.40
CA GLU A 33 -6.89 4.02 -44.30
C GLU A 33 -6.34 5.43 -44.47
N LYS A 34 -6.62 6.02 -45.63
CA LYS A 34 -6.34 7.43 -45.92
C LYS A 34 -7.65 8.18 -45.76
N THR A 35 -7.73 9.01 -44.72
CA THR A 35 -8.96 9.72 -44.40
C THR A 35 -8.83 11.12 -44.96
N THR A 36 -9.84 11.55 -45.69
CA THR A 36 -9.92 12.91 -46.15
C THR A 36 -11.01 13.58 -45.38
N TYR A 37 -10.68 14.76 -44.84
CA TYR A 37 -11.61 15.48 -44.06
C TYR A 37 -11.55 17.00 -44.29
N MET A 38 -12.62 17.66 -43.89
CA MET A 38 -12.70 19.13 -43.98
C MET A 38 -12.24 19.77 -42.69
N ASP A 39 -11.30 20.72 -42.79
CA ASP A 39 -10.81 21.46 -41.59
C ASP A 39 -11.71 22.65 -41.29
N PRO A 40 -11.55 23.24 -40.12
CA PRO A 40 -12.50 24.27 -39.79
C PRO A 40 -12.25 25.62 -40.49
N THR A 41 -11.08 25.79 -41.15
CA THR A 41 -10.86 26.92 -42.12
C THR A 41 -11.52 26.65 -43.48
N GLY A 42 -12.07 25.45 -43.68
CA GLY A 42 -12.78 25.06 -44.90
C GLY A 42 -11.85 24.44 -45.96
N LYS A 43 -10.63 24.12 -45.54
CA LYS A 43 -9.63 23.45 -46.35
C LYS A 43 -9.73 21.90 -46.13
N THR A 44 -9.65 21.17 -47.24
CA THR A 44 -9.53 19.70 -47.28
C THR A 44 -8.16 19.27 -46.74
N ARG A 45 -8.11 18.28 -45.84
CA ARG A 45 -6.82 17.67 -45.43
C ARG A 45 -6.91 16.12 -45.30
N THR A 46 -5.76 15.49 -45.10
CA THR A 46 -5.72 14.04 -44.97
C THR A 46 -5.09 13.59 -43.63
N TRP A 47 -5.38 12.33 -43.32
CA TRP A 47 -4.95 11.71 -42.08
C TRP A 47 -4.73 10.18 -42.39
N GLU A 48 -3.67 9.61 -41.91
CA GLU A 48 -3.55 8.16 -41.94
C GLU A 48 -4.16 7.57 -40.66
N SER A 49 -5.15 6.70 -40.83
CA SER A 49 -6.00 6.19 -39.76
C SER A 49 -5.89 4.69 -39.68
N VAL A 50 -6.04 4.17 -38.47
CA VAL A 50 -6.05 2.74 -38.22
C VAL A 50 -7.40 2.30 -37.80
N LYS A 51 -7.86 1.14 -38.30
CA LYS A 51 -9.09 0.58 -37.80
C LYS A 51 -9.00 -0.95 -37.69
N ARG A 52 -9.76 -1.56 -36.78
CA ARG A 52 -9.86 -2.99 -36.84
C ARG A 52 -10.80 -3.45 -37.96
N THR A 53 -10.63 -4.71 -38.38
CA THR A 53 -11.51 -5.31 -39.37
C THR A 53 -12.71 -6.07 -38.74
N THR A 54 -12.78 -6.10 -37.41
CA THR A 54 -13.59 -7.03 -36.66
C THR A 54 -14.85 -6.40 -36.05
N ARG A 55 -15.13 -5.12 -36.27
CA ARG A 55 -16.22 -4.47 -35.60
C ARG A 55 -17.40 -4.55 -36.54
N LYS A 56 -18.55 -4.98 -36.06
CA LYS A 56 -19.72 -5.15 -36.92
C LYS A 56 -20.75 -4.12 -36.47
N GLU A 57 -21.68 -4.53 -35.60
CA GLU A 57 -22.76 -3.66 -35.11
C GLU A 57 -22.56 -3.37 -33.62
N GLN A 58 -21.42 -3.76 -33.07
CA GLN A 58 -21.18 -3.52 -31.67
C GLN A 58 -21.04 -2.02 -31.44
N THR A 59 -21.39 -1.59 -30.23
CA THR A 59 -21.28 -0.19 -29.84
C THR A 59 -19.81 0.22 -29.65
N ALA A 60 -18.90 -0.76 -29.66
CA ALA A 60 -17.48 -0.57 -29.52
C ALA A 60 -16.76 -1.85 -29.93
N ASP A 61 -15.46 -1.70 -30.17
CA ASP A 61 -14.62 -2.87 -30.43
C ASP A 61 -14.58 -3.87 -29.27
N GLY A 62 -14.41 -3.34 -28.06
CA GLY A 62 -13.97 -4.17 -26.96
C GLY A 62 -14.49 -3.68 -25.62
N VAL A 63 -14.12 -4.41 -24.58
CA VAL A 63 -14.37 -3.99 -23.24
C VAL A 63 -13.07 -4.08 -22.48
N ALA A 64 -12.94 -3.22 -21.47
CA ALA A 64 -11.93 -3.43 -20.41
C ALA A 64 -12.71 -3.41 -19.09
N VAL A 65 -12.30 -4.25 -18.17
CA VAL A 65 -13.04 -4.47 -16.94
C VAL A 65 -12.23 -3.87 -15.76
N ILE A 66 -12.88 -3.06 -14.94
CA ILE A 66 -12.28 -2.57 -13.71
C ILE A 66 -12.84 -3.54 -12.62
N PRO A 67 -12.05 -4.52 -12.18
CA PRO A 67 -12.58 -5.59 -11.31
C PRO A 67 -12.14 -5.35 -9.85
N VAL A 68 -13.10 -4.99 -9.03
CA VAL A 68 -12.89 -4.62 -7.64
C VAL A 68 -13.16 -5.82 -6.74
N LEU A 69 -12.08 -6.46 -6.28
CA LEU A 69 -12.20 -7.65 -5.49
C LEU A 69 -12.49 -7.26 -4.05
N GLN A 70 -13.61 -7.76 -3.47
CA GLN A 70 -14.14 -7.34 -2.11
C GLN A 70 -14.17 -8.60 -1.25
N ARG A 71 -13.47 -8.58 -0.11
CA ARG A 71 -13.44 -9.72 0.82
C ARG A 71 -13.47 -9.21 2.19
N THR A 72 -14.31 -9.80 3.03
CA THR A 72 -14.43 -9.28 4.38
C THR A 72 -13.02 -9.29 5.08
N LEU A 73 -12.75 -8.20 5.74
CA LEU A 73 -11.49 -8.01 6.55
C LEU A 73 -10.26 -7.99 5.61
N HIS A 74 -10.52 -7.58 4.36
CA HIS A 74 -9.44 -7.23 3.38
C HIS A 74 -9.65 -5.86 2.84
N TYR A 75 -8.55 -5.19 2.48
CA TYR A 75 -8.68 -4.03 1.68
C TYR A 75 -9.06 -4.52 0.25
N GLU A 76 -9.78 -3.66 -0.41
CA GLU A 76 -10.28 -3.92 -1.79
C GLU A 76 -9.12 -3.98 -2.70
N CYS A 77 -9.11 -4.93 -3.63
CA CYS A 77 -8.02 -5.03 -4.61
C CYS A 77 -8.58 -4.72 -5.96
N ILE A 78 -7.68 -4.28 -6.84
CA ILE A 78 -7.97 -4.11 -8.30
C ILE A 78 -7.31 -5.27 -8.94
N VAL A 79 -8.07 -6.05 -9.73
CA VAL A 79 -7.52 -7.26 -10.30
C VAL A 79 -7.01 -6.94 -11.71
N LEU A 80 -5.73 -7.16 -11.91
CA LEU A 80 -5.06 -6.83 -13.15
C LEU A 80 -4.50 -8.05 -13.81
N VAL A 81 -4.19 -7.94 -15.09
CA VAL A 81 -3.59 -9.12 -15.76
C VAL A 81 -2.32 -8.70 -16.46
N LYS A 82 -1.42 -9.68 -16.59
CA LYS A 82 -0.10 -9.51 -17.21
C LYS A 82 0.05 -10.55 -18.31
N GLN A 83 0.40 -10.07 -19.51
CA GLN A 83 0.45 -10.86 -20.69
C GLN A 83 1.50 -10.32 -21.60
N PHE A 84 1.98 -11.21 -22.46
CA PHE A 84 2.89 -10.77 -23.53
C PHE A 84 2.03 -10.14 -24.61
N ARG A 85 2.50 -9.04 -25.14
CA ARG A 85 1.83 -8.30 -26.17
C ARG A 85 2.83 -8.14 -27.32
N PRO A 86 2.56 -8.88 -28.42
CA PRO A 86 3.49 -8.83 -29.53
C PRO A 86 3.75 -7.42 -30.09
N PRO A 87 2.76 -6.52 -30.15
CA PRO A 87 3.03 -5.11 -30.60
C PRO A 87 4.05 -4.34 -29.81
N MET A 88 4.05 -4.57 -28.51
CA MET A 88 4.99 -4.00 -27.61
C MET A 88 6.34 -4.75 -27.51
N GLY A 89 6.43 -5.99 -28.05
CA GLY A 89 7.59 -6.83 -27.77
C GLY A 89 7.93 -7.04 -26.31
N GLY A 90 6.90 -7.21 -25.47
CA GLY A 90 7.12 -7.41 -24.06
C GLY A 90 5.81 -7.61 -23.30
N TYR A 91 5.97 -7.77 -22.00
CA TYR A 91 4.88 -7.94 -21.07
C TYR A 91 4.24 -6.61 -20.60
N CYS A 92 2.92 -6.64 -20.44
CA CYS A 92 2.14 -5.48 -20.16
C CYS A 92 1.23 -5.81 -19.03
N ILE A 93 0.99 -4.82 -18.17
CA ILE A 93 0.00 -5.02 -17.08
C ILE A 93 -1.22 -4.17 -17.40
N GLU A 94 -2.38 -4.83 -17.48
CA GLU A 94 -3.58 -4.18 -18.01
C GLU A 94 -4.81 -4.59 -17.18
N PHE A 95 -5.86 -3.80 -17.32
CA PHE A 95 -7.19 -4.27 -16.93
C PHE A 95 -7.53 -5.48 -17.83
N PRO A 96 -8.19 -6.52 -17.28
CA PRO A 96 -8.76 -7.59 -18.09
C PRO A 96 -9.68 -7.01 -19.21
N ALA A 97 -9.55 -7.56 -20.40
CA ALA A 97 -10.08 -6.96 -21.60
C ALA A 97 -10.21 -7.94 -22.70
N GLY A 98 -11.19 -7.69 -23.58
CA GLY A 98 -11.23 -8.41 -24.87
C GLY A 98 -12.25 -7.80 -25.80
N LEU A 99 -12.27 -8.32 -27.03
CA LEU A 99 -13.22 -7.81 -27.98
C LEU A 99 -14.65 -8.32 -27.66
N ILE A 100 -15.65 -7.56 -28.07
CA ILE A 100 -17.04 -7.93 -27.87
C ILE A 100 -17.45 -8.85 -29.01
N ASP A 101 -17.96 -10.04 -28.71
CA ASP A 101 -18.39 -10.97 -29.80
C ASP A 101 -19.62 -10.39 -30.49
N ASP A 102 -19.91 -10.76 -31.75
CA ASP A 102 -21.13 -10.22 -32.47
C ASP A 102 -22.36 -10.64 -31.67
N GLY A 103 -23.25 -9.70 -31.38
CA GLY A 103 -24.46 -9.94 -30.65
C GLY A 103 -24.34 -9.97 -29.14
N GLU A 104 -23.11 -9.89 -28.63
CA GLU A 104 -22.85 -9.88 -27.23
C GLU A 104 -23.02 -8.42 -26.71
N THR A 105 -23.55 -8.29 -25.51
CA THR A 105 -23.66 -6.95 -24.88
C THR A 105 -22.25 -6.60 -24.29
N PRO A 106 -21.97 -5.32 -24.10
CA PRO A 106 -20.70 -5.00 -23.40
C PRO A 106 -20.58 -5.66 -21.98
N GLU A 107 -21.64 -5.71 -21.21
CA GLU A 107 -21.66 -6.28 -19.87
C GLU A 107 -21.36 -7.74 -19.88
N ALA A 108 -22.01 -8.45 -20.79
CA ALA A 108 -21.74 -9.90 -21.01
C ALA A 108 -20.28 -10.14 -21.42
N ALA A 109 -19.75 -9.38 -22.36
CA ALA A 109 -18.35 -9.46 -22.77
C ALA A 109 -17.43 -9.25 -21.59
N ALA A 110 -17.71 -8.25 -20.77
CA ALA A 110 -16.85 -7.92 -19.59
C ALA A 110 -16.86 -9.05 -18.59
N LEU A 111 -18.04 -9.55 -18.25
CA LEU A 111 -18.09 -10.67 -17.28
C LEU A 111 -17.45 -11.91 -17.85
N ARG A 112 -17.66 -12.14 -19.11
CA ARG A 112 -17.03 -13.33 -19.75
C ARG A 112 -15.52 -13.22 -19.83
N GLU A 113 -15.00 -12.12 -20.35
CA GLU A 113 -13.57 -11.90 -20.37
C GLU A 113 -12.90 -11.95 -18.98
N LEU A 114 -13.54 -11.36 -17.98
CA LEU A 114 -13.04 -11.40 -16.62
C LEU A 114 -12.94 -12.83 -16.12
N GLU A 115 -13.98 -13.61 -16.35
CA GLU A 115 -13.91 -15.04 -15.98
C GLU A 115 -12.82 -15.78 -16.75
N GLU A 116 -12.75 -15.59 -18.06
CA GLU A 116 -11.77 -16.26 -18.87
C GLU A 116 -10.34 -15.89 -18.47
N GLU A 117 -10.10 -14.61 -18.16
CA GLU A 117 -8.73 -14.16 -17.98
C GLU A 117 -8.22 -14.33 -16.53
N THR A 118 -9.13 -14.30 -15.56
CA THR A 118 -8.76 -14.34 -14.14
C THR A 118 -9.36 -15.50 -13.37
N GLY A 119 -10.41 -16.11 -13.89
CA GLY A 119 -11.16 -17.06 -13.09
C GLY A 119 -12.31 -16.51 -12.26
N TYR A 120 -12.31 -15.21 -12.00
CA TYR A 120 -13.33 -14.67 -11.19
C TYR A 120 -14.67 -14.44 -11.86
N LYS A 121 -15.72 -14.63 -11.05
CA LYS A 121 -17.10 -14.36 -11.43
C LYS A 121 -17.57 -13.10 -10.82
N GLY A 122 -17.69 -12.07 -11.64
CA GLY A 122 -18.12 -10.78 -11.11
C GLY A 122 -19.56 -10.45 -11.16
N ASP A 123 -19.87 -9.30 -10.61
CA ASP A 123 -21.22 -8.68 -10.65
C ASP A 123 -21.11 -7.30 -11.27
N ILE A 124 -21.90 -7.00 -12.29
CA ILE A 124 -21.88 -5.67 -12.93
C ILE A 124 -22.14 -4.57 -11.90
N ALA A 125 -21.32 -3.53 -11.93
CA ALA A 125 -21.58 -2.27 -11.20
C ALA A 125 -21.99 -1.15 -12.10
N GLU A 126 -21.22 -0.87 -13.14
CA GLU A 126 -21.51 0.20 -14.10
C GLU A 126 -20.82 -0.03 -15.41
N CYS A 127 -21.29 0.62 -16.44
CA CYS A 127 -20.77 0.44 -17.79
C CYS A 127 -20.73 1.79 -18.48
N SER A 128 -19.55 2.18 -18.96
CA SER A 128 -19.34 3.47 -19.58
C SER A 128 -19.98 3.48 -20.97
N PRO A 129 -20.18 4.67 -21.51
CA PRO A 129 -20.30 4.76 -22.97
C PRO A 129 -19.00 4.31 -23.69
N ALA A 130 -19.08 4.11 -25.01
CA ALA A 130 -17.93 3.86 -25.82
C ALA A 130 -16.92 4.97 -25.70
N VAL A 131 -15.73 4.59 -25.27
CA VAL A 131 -14.61 5.56 -25.13
C VAL A 131 -13.42 5.21 -26.07
N CYS A 132 -12.69 6.22 -26.55
CA CYS A 132 -11.69 6.04 -27.59
C CYS A 132 -10.35 5.70 -26.99
N MET A 133 -9.70 4.69 -27.56
CA MET A 133 -8.43 4.19 -27.14
C MET A 133 -7.23 5.08 -27.49
N ASP A 134 -7.22 5.68 -28.67
CA ASP A 134 -6.06 6.44 -29.14
C ASP A 134 -6.52 7.17 -30.40
N PRO A 135 -7.30 8.24 -30.22
CA PRO A 135 -8.15 8.79 -31.25
C PRO A 135 -7.37 9.51 -32.30
N GLY A 136 -6.15 9.89 -32.03
CA GLY A 136 -5.27 10.45 -33.13
C GLY A 136 -4.70 9.41 -34.07
N LEU A 137 -4.75 8.16 -33.67
CA LEU A 137 -4.23 7.03 -34.43
C LEU A 137 -5.32 6.12 -35.02
N SER A 138 -6.31 5.77 -34.21
CA SER A 138 -7.29 4.75 -34.57
C SER A 138 -8.71 5.11 -34.17
N ASN A 139 -9.68 4.36 -34.71
CA ASN A 139 -11.09 4.52 -34.35
C ASN A 139 -11.47 3.55 -33.23
N CYS A 140 -10.52 2.88 -32.65
CA CYS A 140 -10.82 1.82 -31.64
C CYS A 140 -11.50 2.41 -30.44
N THR A 141 -12.56 1.72 -30.00
CA THR A 141 -13.32 2.08 -28.83
C THR A 141 -13.52 0.87 -27.95
N ILE A 142 -13.70 1.18 -26.66
CA ILE A 142 -14.18 0.23 -25.66
C ILE A 142 -15.26 0.74 -24.79
N HIS A 143 -15.97 -0.16 -24.13
CA HIS A 143 -16.70 0.16 -22.92
C HIS A 143 -15.85 -0.22 -21.72
N ILE A 144 -15.79 0.68 -20.76
CA ILE A 144 -15.11 0.41 -19.54
C ILE A 144 -16.17 -0.02 -18.54
N VAL A 145 -16.09 -1.29 -18.13
CA VAL A 145 -17.12 -1.91 -17.27
C VAL A 145 -16.55 -2.15 -15.90
N THR A 146 -17.14 -1.54 -14.88
CA THR A 146 -16.76 -1.73 -13.46
C THR A 146 -17.56 -2.92 -12.96
N VAL A 147 -16.88 -3.83 -12.32
CA VAL A 147 -17.45 -5.05 -11.84
C VAL A 147 -16.95 -5.27 -10.42
N THR A 148 -17.79 -5.71 -9.50
CA THR A 148 -17.35 -6.08 -8.15
C THR A 148 -17.27 -7.61 -8.11
N ILE A 149 -16.29 -8.15 -7.42
CA ILE A 149 -16.09 -9.55 -7.29
C ILE A 149 -16.27 -9.84 -5.78
N ASN A 150 -17.22 -10.72 -5.46
CA ASN A 150 -17.44 -11.11 -4.06
C ASN A 150 -16.43 -12.21 -3.82
N GLY A 151 -15.28 -11.80 -3.23
CA GLY A 151 -14.23 -12.76 -2.91
C GLY A 151 -14.57 -13.67 -1.73
N ASP A 152 -15.67 -13.39 -1.04
CA ASP A 152 -16.18 -14.32 0.01
C ASP A 152 -17.04 -15.49 -0.56
N ASP A 153 -17.55 -15.35 -1.78
CA ASP A 153 -18.27 -16.45 -2.40
C ASP A 153 -17.35 -17.63 -2.74
N ALA A 154 -17.79 -18.86 -2.47
CA ALA A 154 -16.97 -20.05 -2.76
C ALA A 154 -16.65 -20.22 -4.28
N GLU A 155 -17.47 -19.59 -5.14
CA GLU A 155 -17.22 -19.52 -6.58
C GLU A 155 -15.90 -18.83 -6.90
N ASN A 156 -15.46 -17.96 -6.01
CA ASN A 156 -14.32 -17.10 -6.25
C ASN A 156 -13.17 -17.40 -5.29
N ALA A 157 -13.13 -18.63 -4.81
CA ALA A 157 -12.20 -19.00 -3.74
C ALA A 157 -10.86 -19.36 -4.37
N ARG A 158 -10.88 -20.29 -5.32
CA ARG A 158 -9.66 -20.73 -5.96
C ARG A 158 -9.79 -20.54 -7.50
N PRO A 159 -10.14 -19.32 -7.96
CA PRO A 159 -10.45 -19.04 -9.37
C PRO A 159 -9.31 -19.47 -10.31
N LYS A 160 -9.63 -20.17 -11.41
CA LYS A 160 -8.65 -20.65 -12.40
C LYS A 160 -8.98 -19.98 -13.73
N PRO A 161 -8.05 -19.21 -14.32
CA PRO A 161 -8.29 -18.68 -15.68
C PRO A 161 -8.65 -19.77 -16.70
N LYS A 162 -9.53 -19.45 -17.66
CA LYS A 162 -9.85 -20.34 -18.76
C LYS A 162 -9.39 -19.64 -20.02
N PRO A 163 -8.07 -19.67 -20.27
CA PRO A 163 -7.52 -18.99 -21.44
C PRO A 163 -7.92 -19.69 -22.76
N GLY A 164 -8.15 -18.89 -23.80
CA GLY A 164 -8.46 -19.39 -25.13
C GLY A 164 -7.16 -19.78 -25.79
N ASP A 165 -7.28 -20.22 -27.04
CA ASP A 165 -6.11 -20.68 -27.82
C ASP A 165 -5.12 -19.49 -27.99
N GLY A 166 -3.87 -19.67 -27.59
CA GLY A 166 -2.90 -18.58 -27.69
C GLY A 166 -3.07 -17.42 -26.68
N GLU A 167 -3.88 -17.63 -25.64
CA GLU A 167 -4.01 -16.70 -24.50
C GLU A 167 -3.18 -17.31 -23.38
N PHE A 168 -2.35 -16.48 -22.73
CA PHE A 168 -1.52 -16.90 -21.57
C PHE A 168 -1.41 -15.73 -20.60
N VAL A 169 -2.26 -15.76 -19.59
CA VAL A 169 -2.53 -14.60 -18.80
C VAL A 169 -2.16 -14.94 -17.36
N GLU A 170 -1.39 -14.03 -16.74
CA GLU A 170 -1.14 -14.05 -15.30
C GLU A 170 -2.01 -13.02 -14.57
N VAL A 171 -2.59 -13.42 -13.44
CA VAL A 171 -3.33 -12.50 -12.61
C VAL A 171 -2.54 -11.80 -11.48
N ILE A 172 -2.73 -10.51 -11.33
CA ILE A 172 -2.07 -9.71 -10.32
C ILE A 172 -3.11 -8.82 -9.65
N SER A 173 -3.38 -9.13 -8.40
CA SER A 173 -4.33 -8.32 -7.60
C SER A 173 -3.61 -7.40 -6.69
N LEU A 174 -3.84 -6.10 -6.78
CA LEU A 174 -3.12 -5.13 -5.94
C LEU A 174 -4.08 -4.28 -5.13
N PRO A 175 -3.71 -3.92 -3.88
CA PRO A 175 -4.67 -3.11 -3.11
C PRO A 175 -4.95 -1.76 -3.70
N LYS A 176 -6.23 -1.44 -3.80
CA LYS A 176 -6.66 -0.16 -4.29
C LYS A 176 -6.01 1.03 -3.60
N ASN A 177 -5.82 0.88 -2.28
CA ASN A 177 -5.36 1.95 -1.44
C ASN A 177 -3.88 2.20 -1.59
N ASP A 178 -3.17 1.40 -2.39
CA ASP A 178 -1.70 1.57 -2.63
C ASP A 178 -1.36 1.27 -4.11
N LEU A 179 -2.34 1.52 -5.03
CA LEU A 179 -2.21 0.90 -6.33
C LEU A 179 -1.00 1.51 -7.12
N LEU A 180 -0.86 2.81 -7.13
CA LEU A 180 0.19 3.47 -7.86
C LEU A 180 1.59 3.00 -7.37
N GLN A 181 1.80 2.93 -6.05
CA GLN A 181 3.12 2.51 -5.55
C GLN A 181 3.36 1.07 -5.80
N ARG A 182 2.31 0.29 -5.81
CA ARG A 182 2.53 -1.13 -6.09
C ARG A 182 2.86 -1.41 -7.57
N LEU A 183 2.24 -0.64 -8.44
CA LEU A 183 2.56 -0.68 -9.89
C LEU A 183 4.01 -0.19 -10.13
N ASP A 184 4.38 0.90 -9.48
CA ASP A 184 5.78 1.40 -9.55
C ASP A 184 6.74 0.30 -9.10
N ALA A 185 6.47 -0.39 -8.01
CA ALA A 185 7.36 -1.45 -7.54
C ALA A 185 7.45 -2.62 -8.51
N LEU A 186 6.36 -2.93 -9.23
CA LEU A 186 6.46 -3.94 -10.27
C LEU A 186 7.28 -3.51 -11.46
N VAL A 187 7.14 -2.24 -11.86
CA VAL A 187 7.90 -1.66 -12.95
C VAL A 187 9.36 -1.55 -12.54
N ALA A 188 9.64 -1.14 -11.29
CA ALA A 188 11.02 -1.21 -10.77
C ALA A 188 11.72 -2.61 -10.77
N GLU A 189 10.95 -3.69 -10.59
CA GLU A 189 11.49 -5.06 -10.41
C GLU A 189 11.70 -5.83 -11.73
N GLU A 190 10.94 -5.52 -12.78
CA GLU A 190 11.15 -6.20 -14.08
C GLU A 190 10.95 -5.32 -15.32
N HIS A 191 11.16 -5.90 -16.50
CA HIS A 191 10.89 -5.22 -17.77
C HIS A 191 9.44 -5.45 -18.13
N LEU A 192 8.63 -4.43 -17.92
CA LEU A 192 7.22 -4.51 -18.22
C LEU A 192 6.68 -3.10 -18.32
N THR A 193 5.57 -2.97 -19.05
CA THR A 193 4.91 -1.71 -19.24
C THR A 193 3.52 -1.76 -18.59
N VAL A 194 3.15 -0.66 -17.95
CA VAL A 194 1.82 -0.57 -17.41
C VAL A 194 0.97 0.11 -18.43
N ASP A 195 -0.28 -0.33 -18.55
CA ASP A 195 -1.21 0.27 -19.44
C ASP A 195 -1.61 1.66 -19.01
N ALA A 196 -1.76 2.56 -19.96
CA ALA A 196 -2.12 3.94 -19.65
C ALA A 196 -3.50 4.17 -18.97
N ARG A 197 -4.42 3.23 -19.15
CA ARG A 197 -5.72 3.36 -18.45
C ARG A 197 -5.54 2.92 -16.97
N VAL A 198 -4.77 1.87 -16.75
CA VAL A 198 -4.49 1.46 -15.37
C VAL A 198 -3.73 2.54 -14.60
N TYR A 199 -2.77 3.18 -15.29
CA TYR A 199 -1.93 4.21 -14.66
C TYR A 199 -2.76 5.44 -14.36
N SER A 200 -3.66 5.75 -15.24
CA SER A 200 -4.56 6.88 -15.10
C SER A 200 -5.44 6.70 -13.87
N TYR A 201 -5.97 5.51 -13.76
CA TYR A 201 -6.88 5.13 -12.65
C TYR A 201 -6.08 5.16 -11.35
N ALA A 202 -4.92 4.56 -11.33
CA ALA A 202 -4.04 4.62 -10.11
C ALA A 202 -3.62 6.03 -9.74
N LEU A 203 -3.28 6.86 -10.71
CA LEU A 203 -3.10 8.29 -10.41
C LEU A 203 -4.29 9.00 -9.76
N ALA A 204 -5.50 8.86 -10.35
CA ALA A 204 -6.66 9.48 -9.76
C ALA A 204 -6.90 8.97 -8.30
N LEU A 205 -6.69 7.67 -8.04
CA LEU A 205 -6.84 7.15 -6.66
C LEU A 205 -5.92 7.97 -5.69
N LYS A 206 -4.69 8.26 -6.13
CA LYS A 206 -3.75 9.10 -5.36
C LYS A 206 -4.26 10.53 -5.27
N HIS A 207 -4.72 11.13 -6.37
CA HIS A 207 -5.08 12.53 -6.36
C HIS A 207 -6.43 12.78 -5.64
N ALA A 208 -7.24 11.75 -5.45
CA ALA A 208 -8.39 11.88 -4.59
C ALA A 208 -7.88 11.65 -3.16
N LYS B 15 9.68 -16.20 -21.24
CA LYS B 15 9.14 -17.37 -21.98
C LYS B 15 8.70 -16.91 -23.39
N GLN B 16 8.23 -15.66 -23.55
CA GLN B 16 7.69 -15.20 -24.87
C GLN B 16 8.52 -14.04 -25.41
N TYR B 17 8.60 -13.95 -26.73
CA TYR B 17 9.56 -13.03 -27.35
C TYR B 17 9.30 -12.90 -28.84
N ILE B 18 9.76 -11.78 -29.41
CA ILE B 18 9.65 -11.50 -30.83
C ILE B 18 10.76 -12.34 -31.52
N ILE B 19 10.42 -12.92 -32.65
CA ILE B 19 11.36 -13.57 -33.51
C ILE B 19 11.66 -12.61 -34.64
N SER B 20 10.64 -12.15 -35.34
CA SER B 20 10.83 -11.23 -36.46
C SER B 20 9.64 -10.37 -36.75
N GLU B 21 9.86 -9.38 -37.59
CA GLU B 21 8.81 -8.49 -38.01
C GLU B 21 8.84 -8.40 -39.51
N GLU B 22 7.67 -8.48 -40.12
CA GLU B 22 7.48 -8.28 -41.52
C GLU B 22 6.70 -7.00 -41.78
N LEU B 23 7.31 -6.05 -42.48
CA LEU B 23 6.57 -4.87 -42.91
C LEU B 23 5.42 -5.20 -43.91
N ILE B 24 4.21 -4.78 -43.60
CA ILE B 24 3.06 -5.00 -44.48
C ILE B 24 2.88 -3.71 -45.25
N SER B 25 2.90 -2.56 -44.58
CA SER B 25 2.61 -1.32 -45.28
C SER B 25 3.08 -0.14 -44.45
N GLU B 26 3.72 0.85 -45.09
CA GLU B 26 4.27 1.99 -44.38
C GLU B 26 3.69 3.22 -44.98
N GLY B 27 3.10 4.09 -44.18
CA GLY B 27 2.69 5.41 -44.65
C GLY B 27 3.72 6.41 -44.18
N LYS B 28 3.39 7.68 -44.28
CA LYS B 28 4.17 8.73 -43.72
C LYS B 28 4.21 8.75 -42.18
N TRP B 29 3.09 8.38 -41.54
CA TRP B 29 2.90 8.52 -40.09
C TRP B 29 2.72 7.20 -39.31
N VAL B 30 2.23 6.16 -39.99
CA VAL B 30 1.98 4.84 -39.35
C VAL B 30 2.38 3.79 -40.32
N LYS B 31 2.79 2.65 -39.77
CA LYS B 31 2.98 1.40 -40.52
C LYS B 31 2.27 0.21 -39.89
N LEU B 32 1.95 -0.78 -40.71
CA LEU B 32 1.36 -2.01 -40.32
C LEU B 32 2.38 -3.10 -40.45
N GLU B 33 2.55 -3.90 -39.42
CA GLU B 33 3.56 -5.00 -39.43
C GLU B 33 2.94 -6.31 -39.10
N LYS B 34 3.57 -7.40 -39.48
CA LYS B 34 3.14 -8.73 -39.03
C LYS B 34 4.28 -9.27 -38.19
N THR B 35 4.02 -9.43 -36.91
CA THR B 35 5.03 -9.82 -35.90
C THR B 35 4.98 -11.32 -35.73
N THR B 36 6.13 -11.98 -35.92
CA THR B 36 6.21 -13.40 -35.50
C THR B 36 6.83 -13.55 -34.09
N TYR B 37 6.18 -14.33 -33.23
CA TYR B 37 6.57 -14.48 -31.84
C TYR B 37 6.40 -15.92 -31.40
N MET B 38 7.12 -16.23 -30.32
CA MET B 38 7.13 -17.54 -29.77
C MET B 38 6.20 -17.55 -28.59
N ASP B 39 5.21 -18.43 -28.64
CA ASP B 39 4.21 -18.53 -27.59
C ASP B 39 4.84 -19.38 -26.46
N PRO B 40 4.28 -19.34 -25.27
CA PRO B 40 4.97 -19.99 -24.14
C PRO B 40 5.01 -21.54 -24.23
N THR B 41 4.15 -22.16 -25.04
CA THR B 41 4.30 -23.59 -25.36
C THR B 41 5.50 -23.93 -26.26
N GLY B 42 6.11 -22.96 -26.94
CA GLY B 42 7.16 -23.24 -27.95
C GLY B 42 6.66 -23.29 -29.40
N LYS B 43 5.42 -22.85 -29.62
CA LYS B 43 4.78 -22.79 -30.94
C LYS B 43 4.85 -21.35 -31.43
N THR B 44 5.14 -21.18 -32.69
CA THR B 44 5.37 -19.88 -33.29
C THR B 44 4.01 -19.31 -33.81
N ARG B 45 3.79 -18.00 -33.64
CA ARG B 45 2.49 -17.39 -33.89
C ARG B 45 2.72 -16.00 -34.45
N THR B 46 1.70 -15.45 -35.10
CA THR B 46 1.77 -14.18 -35.74
C THR B 46 0.73 -13.17 -35.14
N TRP B 47 1.04 -11.90 -35.29
CA TRP B 47 0.21 -10.81 -34.75
C TRP B 47 0.31 -9.62 -35.67
N GLU B 48 -0.82 -9.08 -36.08
CA GLU B 48 -0.83 -7.83 -36.90
C GLU B 48 -0.81 -6.68 -35.90
N SER B 49 0.17 -5.76 -36.06
CA SER B 49 0.52 -4.71 -35.14
C SER B 49 0.65 -3.40 -35.93
N VAL B 50 0.32 -2.30 -35.29
CA VAL B 50 0.65 -0.98 -35.83
C VAL B 50 1.76 -0.31 -35.02
N LYS B 51 2.60 0.46 -35.71
CA LYS B 51 3.61 1.31 -35.08
C LYS B 51 3.58 2.69 -35.75
N ARG B 52 3.83 3.74 -34.97
CA ARG B 52 4.09 5.05 -35.58
C ARG B 52 5.45 5.03 -36.25
N THR B 53 5.65 5.89 -37.26
CA THR B 53 6.96 6.02 -37.93
C THR B 53 7.83 7.13 -37.32
N THR B 54 7.32 7.81 -36.30
CA THR B 54 7.86 9.07 -35.78
C THR B 54 8.70 8.93 -34.50
N ARG B 55 8.72 7.77 -33.86
CA ARG B 55 9.44 7.67 -32.62
C ARG B 55 10.96 7.60 -32.90
N LYS B 56 11.77 8.19 -32.00
CA LYS B 56 13.25 8.14 -32.03
C LYS B 56 13.80 7.24 -30.92
N GLN B 58 13.91 8.65 -27.79
CA GLN B 58 12.65 9.07 -27.21
C GLN B 58 12.20 7.98 -26.26
N THR B 59 11.75 8.40 -25.08
CA THR B 59 11.20 7.53 -24.00
C THR B 59 9.88 6.85 -24.38
N ALA B 60 9.25 7.36 -25.43
CA ALA B 60 7.81 7.15 -25.71
C ALA B 60 7.44 8.05 -26.90
N ASP B 61 6.31 7.78 -27.51
CA ASP B 61 5.81 8.54 -28.66
C ASP B 61 5.34 9.93 -28.29
N GLY B 62 4.66 10.02 -27.14
CA GLY B 62 3.75 11.12 -26.76
C GLY B 62 3.78 11.39 -25.25
N VAL B 63 3.19 12.54 -24.90
CA VAL B 63 2.79 12.83 -23.53
C VAL B 63 1.33 13.14 -23.53
N ALA B 64 0.69 12.91 -22.39
CA ALA B 64 -0.66 13.40 -22.12
C ALA B 64 -0.54 14.10 -20.75
N VAL B 65 -1.20 15.20 -20.63
CA VAL B 65 -1.08 16.07 -19.50
C VAL B 65 -2.37 15.99 -18.72
N ILE B 66 -2.25 15.62 -17.44
CA ILE B 66 -3.34 15.79 -16.51
C ILE B 66 -3.23 17.23 -15.88
N PRO B 67 -4.03 18.21 -16.33
CA PRO B 67 -3.77 19.59 -15.87
C PRO B 67 -4.83 19.97 -14.84
N VAL B 68 -4.36 20.18 -13.61
CA VAL B 68 -5.17 20.52 -12.45
C VAL B 68 -5.13 22.07 -12.30
N LEU B 69 -6.22 22.71 -12.67
CA LEU B 69 -6.38 24.16 -12.58
C LEU B 69 -6.90 24.56 -11.21
N GLN B 70 -6.05 25.25 -10.49
CA GLN B 70 -6.27 25.62 -9.09
C GLN B 70 -6.54 27.10 -8.96
N ARG B 71 -7.76 27.51 -8.68
CA ARG B 71 -8.05 28.90 -8.38
C ARG B 71 -8.60 28.97 -6.95
N THR B 72 -8.15 29.97 -6.20
CA THR B 72 -8.70 30.09 -4.86
C THR B 72 -10.20 30.43 -4.91
N LEU B 73 -10.97 29.90 -3.93
CA LEU B 73 -12.41 30.07 -3.78
C LEU B 73 -13.24 29.47 -4.94
N HIS B 74 -12.62 28.54 -5.66
CA HIS B 74 -13.28 27.84 -6.80
C HIS B 74 -13.04 26.37 -6.62
N TYR B 75 -13.89 25.56 -7.24
CA TYR B 75 -13.52 24.14 -7.35
C TYR B 75 -12.27 23.96 -8.20
N GLU B 76 -11.49 22.95 -7.87
CA GLU B 76 -10.40 22.54 -8.65
C GLU B 76 -11.02 21.89 -9.88
N CYS B 77 -10.47 22.25 -11.04
CA CYS B 77 -10.90 21.72 -12.35
C CYS B 77 -9.75 20.90 -13.03
N ILE B 78 -10.18 19.97 -13.90
CA ILE B 78 -9.30 19.29 -14.77
C ILE B 78 -9.59 19.90 -16.12
N VAL B 79 -8.51 20.36 -16.77
CA VAL B 79 -8.59 21.03 -18.07
C VAL B 79 -8.45 19.99 -19.22
N LEU B 80 -9.43 19.96 -20.10
CA LEU B 80 -9.43 18.97 -21.20
C LEU B 80 -9.63 19.73 -22.50
N VAL B 81 -9.41 19.03 -23.59
CA VAL B 81 -9.48 19.64 -24.91
C VAL B 81 -10.44 18.84 -25.74
N LYS B 82 -11.19 19.53 -26.58
CA LYS B 82 -12.10 18.92 -27.53
C LYS B 82 -11.55 19.23 -28.93
N GLN B 83 -11.41 18.20 -29.76
CA GLN B 83 -10.89 18.34 -31.14
C GLN B 83 -11.55 17.33 -32.05
N PHE B 84 -11.54 17.64 -33.35
CA PHE B 84 -12.02 16.69 -34.35
C PHE B 84 -10.91 15.68 -34.53
N ARG B 85 -11.26 14.40 -34.55
CA ARG B 85 -10.23 13.34 -34.70
C ARG B 85 -10.55 12.51 -35.90
N PRO B 86 -9.77 12.71 -36.99
CA PRO B 86 -10.17 12.03 -38.28
C PRO B 86 -10.28 10.48 -38.16
N PRO B 87 -9.45 9.84 -37.37
CA PRO B 87 -9.74 8.35 -37.27
C PRO B 87 -11.06 8.04 -36.63
N MET B 88 -11.57 8.90 -35.73
CA MET B 88 -12.84 8.62 -35.11
C MET B 88 -14.01 9.11 -35.93
N GLY B 89 -13.78 10.01 -36.90
CA GLY B 89 -14.87 10.62 -37.67
C GLY B 89 -15.69 11.56 -36.83
N GLY B 90 -15.12 12.05 -35.73
CA GLY B 90 -15.88 12.89 -34.84
C GLY B 90 -15.01 13.58 -33.82
N TYR B 91 -15.71 14.33 -32.96
CA TYR B 91 -15.09 15.10 -31.87
C TYR B 91 -14.86 14.24 -30.63
N CYS B 92 -13.66 14.33 -30.05
CA CYS B 92 -13.27 13.72 -28.80
C CYS B 92 -12.86 14.70 -27.72
N ILE B 93 -13.10 14.31 -26.49
CA ILE B 93 -12.65 15.02 -25.29
C ILE B 93 -11.51 14.20 -24.69
N GLU B 94 -10.37 14.85 -24.53
CA GLU B 94 -9.08 14.25 -24.20
C GLU B 94 -8.28 15.13 -23.24
N PHE B 95 -7.32 14.52 -22.57
CA PHE B 95 -6.28 15.28 -21.88
C PHE B 95 -5.48 15.99 -22.98
N PRO B 96 -5.06 17.23 -22.72
CA PRO B 96 -4.09 17.80 -23.68
C PRO B 96 -2.88 16.89 -23.88
N ALA B 97 -2.39 16.87 -25.09
CA ALA B 97 -1.45 15.86 -25.52
C ALA B 97 -0.84 16.10 -26.85
N GLY B 98 0.37 15.60 -26.98
CA GLY B 98 1.00 15.48 -28.29
C GLY B 98 2.26 14.67 -28.27
N LEU B 99 2.84 14.47 -29.47
CA LEU B 99 4.10 13.70 -29.61
C LEU B 99 5.29 14.52 -29.08
N ILE B 100 6.25 13.84 -28.47
CA ILE B 100 7.45 14.46 -27.91
C ILE B 100 8.44 14.73 -29.06
N ASP B 101 8.88 15.96 -29.26
CA ASP B 101 9.88 16.25 -30.37
C ASP B 101 11.20 15.55 -30.10
N ASP B 102 11.96 15.24 -31.17
CA ASP B 102 13.30 14.63 -31.02
C ASP B 102 14.22 15.52 -30.14
N GLY B 103 14.83 14.92 -29.12
CA GLY B 103 15.61 15.66 -28.14
C GLY B 103 14.86 16.47 -27.08
N GLU B 104 13.53 16.40 -27.07
CA GLU B 104 12.73 17.03 -26.01
C GLU B 104 12.55 15.99 -24.88
N THR B 105 12.61 16.44 -23.65
CA THR B 105 12.25 15.61 -22.50
C THR B 105 10.70 15.51 -22.37
N PRO B 106 10.19 14.44 -21.68
CA PRO B 106 8.70 14.38 -21.54
C PRO B 106 8.11 15.55 -20.77
N GLU B 107 8.79 15.96 -19.70
CA GLU B 107 8.37 17.18 -18.96
C GLU B 107 8.18 18.41 -19.84
N ALA B 108 9.13 18.63 -20.72
CA ALA B 108 9.16 19.84 -21.51
C ALA B 108 8.07 19.75 -22.56
N ALA B 109 7.88 18.53 -23.12
CA ALA B 109 6.79 18.27 -24.06
C ALA B 109 5.45 18.58 -23.45
N ALA B 110 5.30 18.25 -22.17
CA ALA B 110 4.04 18.42 -21.45
C ALA B 110 3.72 19.85 -21.27
N LEU B 111 4.68 20.62 -20.77
CA LEU B 111 4.43 22.04 -20.63
C LEU B 111 4.21 22.73 -21.92
N ARG B 112 4.94 22.33 -22.97
CA ARG B 112 4.75 22.89 -24.29
C ARG B 112 3.35 22.63 -24.85
N GLU B 113 2.98 21.34 -24.88
CA GLU B 113 1.69 20.96 -25.43
C GLU B 113 0.55 21.60 -24.69
N LEU B 114 0.63 21.62 -23.36
CA LEU B 114 -0.41 22.26 -22.55
C LEU B 114 -0.52 23.70 -22.92
N GLU B 115 0.63 24.35 -23.05
CA GLU B 115 0.58 25.77 -23.45
C GLU B 115 0.01 25.97 -24.84
N GLU B 116 0.45 25.18 -25.81
CA GLU B 116 -0.09 25.28 -27.17
C GLU B 116 -1.60 24.98 -27.22
N GLU B 117 -2.02 23.92 -26.53
CA GLU B 117 -3.40 23.49 -26.67
C GLU B 117 -4.37 24.27 -25.78
N THR B 118 -3.88 24.77 -24.65
CA THR B 118 -4.77 25.46 -23.71
C THR B 118 -4.47 26.95 -23.44
N GLY B 119 -3.27 27.42 -23.79
CA GLY B 119 -2.74 28.68 -23.31
C GLY B 119 -2.29 28.66 -21.86
N TYR B 120 -2.48 27.57 -21.08
CA TYR B 120 -2.04 27.59 -19.68
C TYR B 120 -0.61 27.30 -19.51
N LYS B 121 -0.02 27.98 -18.51
CA LYS B 121 1.36 27.78 -18.07
C LYS B 121 1.38 27.06 -16.77
N GLY B 122 1.99 25.88 -16.76
CA GLY B 122 1.72 24.96 -15.70
C GLY B 122 3.04 24.64 -15.07
N ASP B 123 3.00 23.92 -13.95
CA ASP B 123 4.15 23.40 -13.24
C ASP B 123 4.05 21.90 -13.15
N ILE B 124 5.17 21.20 -13.33
CA ILE B 124 5.19 19.73 -13.23
C ILE B 124 4.98 19.25 -11.81
N ALA B 125 4.10 18.27 -11.61
CA ALA B 125 3.96 17.64 -10.29
C ALA B 125 4.61 16.28 -10.26
N GLU B 126 4.29 15.46 -11.24
CA GLU B 126 4.85 14.16 -11.37
C GLU B 126 4.79 13.72 -12.85
N CYS B 127 5.56 12.67 -13.15
CA CYS B 127 5.72 12.14 -14.51
C CYS B 127 5.77 10.63 -14.42
N SER B 128 4.94 9.97 -15.20
CA SER B 128 4.91 8.52 -15.21
C SER B 128 6.07 7.95 -16.05
N PRO B 129 6.41 6.69 -15.86
CA PRO B 129 7.10 5.97 -16.90
C PRO B 129 6.27 5.80 -18.16
N ALA B 130 6.94 5.33 -19.21
CA ALA B 130 6.21 5.12 -20.47
C ALA B 130 5.10 4.10 -20.18
N VAL B 131 3.90 4.42 -20.61
CA VAL B 131 2.75 3.55 -20.45
C VAL B 131 2.11 3.29 -21.83
N CYS B 132 1.56 2.11 -22.04
CA CYS B 132 1.06 1.75 -23.38
C CYS B 132 -0.37 2.23 -23.65
N MET B 133 -0.63 2.62 -24.89
CA MET B 133 -1.92 3.14 -25.25
C MET B 133 -2.97 2.08 -25.60
N ASP B 134 -2.57 1.06 -26.39
CA ASP B 134 -3.49 0.02 -26.82
C ASP B 134 -2.64 -1.21 -27.23
N PRO B 135 -2.16 -1.96 -26.24
CA PRO B 135 -0.97 -2.80 -26.50
C PRO B 135 -1.31 -4.05 -27.34
N GLY B 136 -2.62 -4.35 -27.51
CA GLY B 136 -3.08 -5.39 -28.43
C GLY B 136 -2.96 -4.96 -29.88
N LEU B 137 -2.99 -3.66 -30.09
CA LEU B 137 -3.06 -3.11 -31.42
C LEU B 137 -1.77 -2.48 -31.86
N SER B 138 -1.09 -1.76 -30.96
CA SER B 138 0.01 -0.86 -31.31
C SER B 138 1.11 -0.90 -30.29
N ASN B 139 2.24 -0.32 -30.63
CA ASN B 139 3.34 -0.18 -29.69
C ASN B 139 3.33 1.18 -29.06
N CYS B 140 2.26 1.97 -29.30
CA CYS B 140 2.28 3.38 -28.88
C CYS B 140 2.32 3.53 -27.35
N THR B 141 3.18 4.46 -26.91
CA THR B 141 3.36 4.76 -25.52
C THR B 141 3.37 6.29 -25.30
N ILE B 142 3.06 6.68 -24.05
CA ILE B 142 3.05 8.05 -23.62
C ILE B 142 3.61 8.10 -22.22
N HIS B 143 4.04 9.30 -21.83
CA HIS B 143 4.21 9.62 -20.40
C HIS B 143 2.99 10.42 -20.01
N ILE B 144 2.37 10.06 -18.88
CA ILE B 144 1.29 10.85 -18.33
C ILE B 144 1.95 11.85 -17.38
N VAL B 145 1.70 13.13 -17.58
CA VAL B 145 2.38 14.16 -16.77
C VAL B 145 1.35 14.97 -16.06
N THR B 146 1.41 14.91 -14.72
CA THR B 146 0.48 15.65 -13.89
C THR B 146 1.13 17.01 -13.73
N VAL B 147 0.35 18.04 -13.96
CA VAL B 147 0.80 19.41 -13.94
C VAL B 147 -0.24 20.19 -13.17
N THR B 148 0.19 21.09 -12.26
CA THR B 148 -0.77 22.03 -11.67
C THR B 148 -0.71 23.37 -12.37
N ILE B 149 -1.83 24.07 -12.39
CA ILE B 149 -1.90 25.36 -13.00
C ILE B 149 -2.42 26.38 -11.96
N ASN B 150 -1.57 27.36 -11.64
CA ASN B 150 -1.97 28.38 -10.70
C ASN B 150 -2.81 29.38 -11.47
N GLY B 151 -4.12 29.19 -11.40
CA GLY B 151 -5.08 29.96 -12.13
C GLY B 151 -5.20 31.42 -11.65
N ASP B 152 -4.58 31.74 -10.53
CA ASP B 152 -4.64 33.06 -9.94
C ASP B 152 -3.48 33.92 -10.40
N ASP B 153 -2.48 33.33 -11.06
CA ASP B 153 -1.27 34.05 -11.55
C ASP B 153 -1.67 34.79 -12.79
N ALA B 154 -1.08 35.99 -12.99
CA ALA B 154 -1.45 36.83 -14.11
C ALA B 154 -1.22 36.15 -15.47
N GLU B 155 -0.19 35.30 -15.58
CA GLU B 155 0.14 34.70 -16.89
C GLU B 155 -0.98 33.70 -17.30
N ASN B 156 -1.82 33.26 -16.34
CA ASN B 156 -2.97 32.39 -16.62
C ASN B 156 -4.28 33.10 -16.60
N ALA B 157 -4.25 34.44 -16.53
CA ALA B 157 -5.50 35.20 -16.48
C ALA B 157 -6.36 35.07 -17.76
N ARG B 158 -5.74 35.25 -18.92
CA ARG B 158 -6.45 35.21 -20.23
C ARG B 158 -5.62 34.25 -21.06
N PRO B 159 -5.80 32.94 -20.83
CA PRO B 159 -4.84 31.96 -21.38
C PRO B 159 -4.82 31.96 -22.94
N LYS B 160 -3.63 32.18 -23.54
CA LYS B 160 -3.48 32.27 -25.01
C LYS B 160 -3.13 30.90 -25.73
N PRO B 161 -4.16 30.13 -26.22
CA PRO B 161 -3.83 28.88 -26.93
C PRO B 161 -3.13 29.11 -28.28
N LYS B 162 -1.93 28.54 -28.46
CA LYS B 162 -1.20 28.63 -29.73
C LYS B 162 -1.31 27.34 -30.60
N PRO B 163 -2.40 27.21 -31.41
CA PRO B 163 -2.47 26.07 -32.31
C PRO B 163 -1.29 25.99 -33.28
N GLY B 164 -0.67 24.81 -33.41
CA GLY B 164 0.19 24.52 -34.57
C GLY B 164 -0.63 24.52 -35.88
N ASP B 165 0.03 24.35 -37.02
CA ASP B 165 -0.69 24.28 -38.29
C ASP B 165 -1.64 23.08 -38.28
N GLY B 166 -2.92 23.34 -38.54
CA GLY B 166 -3.94 22.30 -38.55
C GLY B 166 -4.51 21.80 -37.21
N GLU B 167 -4.06 22.33 -36.07
CA GLU B 167 -4.69 22.03 -34.79
C GLU B 167 -5.86 23.02 -34.61
N PHE B 168 -6.93 22.55 -33.98
CA PHE B 168 -8.18 23.30 -33.83
C PHE B 168 -8.87 22.78 -32.57
N VAL B 169 -8.50 23.40 -31.46
CA VAL B 169 -8.68 22.87 -30.14
C VAL B 169 -9.58 23.78 -29.30
N GLU B 170 -10.63 23.22 -28.68
CA GLU B 170 -11.51 23.88 -27.73
C GLU B 170 -11.15 23.39 -26.34
N VAL B 171 -11.13 24.31 -25.39
CA VAL B 171 -10.72 23.99 -24.01
C VAL B 171 -11.99 23.77 -23.23
N ILE B 172 -12.03 22.69 -22.43
CA ILE B 172 -13.20 22.43 -21.57
C ILE B 172 -12.66 22.07 -20.19
N SER B 173 -12.91 22.96 -19.21
CA SER B 173 -12.56 22.72 -17.80
C SER B 173 -13.69 22.24 -17.01
N LEU B 174 -13.48 21.14 -16.30
CA LEU B 174 -14.54 20.52 -15.57
C LEU B 174 -14.10 20.35 -14.17
N PRO B 175 -15.04 20.52 -13.20
CA PRO B 175 -14.64 20.33 -11.81
C PRO B 175 -14.18 18.90 -11.53
N LYS B 176 -13.08 18.76 -10.82
CA LYS B 176 -12.47 17.48 -10.50
C LYS B 176 -13.44 16.68 -9.62
N ASN B 177 -14.09 17.37 -8.65
CA ASN B 177 -15.01 16.67 -7.73
C ASN B 177 -16.27 16.01 -8.32
N ASP B 178 -16.65 16.39 -9.53
CA ASP B 178 -17.85 15.86 -10.18
C ASP B 178 -17.50 15.36 -11.61
N LEU B 179 -16.24 14.96 -11.83
CA LEU B 179 -15.75 14.84 -13.22
C LEU B 179 -16.55 13.82 -14.00
N LEU B 180 -16.79 12.63 -13.44
CA LEU B 180 -17.42 11.60 -14.20
C LEU B 180 -18.86 11.97 -14.65
N GLN B 181 -19.63 12.50 -13.70
CA GLN B 181 -20.98 13.02 -14.05
C GLN B 181 -20.92 14.10 -15.13
N ARG B 182 -19.97 15.03 -15.07
CA ARG B 182 -19.93 16.05 -16.09
C ARG B 182 -19.54 15.48 -17.48
N LEU B 183 -18.69 14.45 -17.51
CA LEU B 183 -18.29 13.84 -18.76
C LEU B 183 -19.49 13.12 -19.35
N ASP B 184 -20.16 12.37 -18.50
CA ASP B 184 -21.38 11.62 -18.93
C ASP B 184 -22.42 12.58 -19.53
N ALA B 185 -22.60 13.74 -18.91
CA ALA B 185 -23.53 14.77 -19.44
C ALA B 185 -23.14 15.27 -20.81
N LEU B 186 -21.85 15.58 -20.97
CA LEU B 186 -21.39 16.04 -22.26
C LEU B 186 -21.64 15.02 -23.33
N VAL B 187 -21.39 13.73 -23.04
CA VAL B 187 -21.66 12.63 -23.96
C VAL B 187 -23.14 12.52 -24.35
N ALA B 188 -24.00 12.55 -23.36
CA ALA B 188 -25.45 12.51 -23.53
C ALA B 188 -25.94 13.69 -24.36
N GLU B 189 -25.44 14.88 -24.08
CA GLU B 189 -25.97 16.08 -24.69
C GLU B 189 -25.27 16.47 -25.99
N GLU B 190 -23.98 16.19 -26.13
CA GLU B 190 -23.14 16.74 -27.22
C GLU B 190 -22.68 15.75 -28.30
N HIS B 191 -23.02 14.45 -28.18
CA HIS B 191 -22.48 13.37 -29.07
C HIS B 191 -20.96 13.49 -29.36
N LEU B 192 -20.22 13.45 -28.26
CA LEU B 192 -18.77 13.47 -28.22
C LEU B 192 -18.28 12.07 -27.76
N THR B 193 -17.03 11.73 -28.05
CA THR B 193 -16.42 10.56 -27.45
C THR B 193 -15.37 11.01 -26.43
N VAL B 194 -15.48 10.50 -25.21
CA VAL B 194 -14.52 10.68 -24.18
C VAL B 194 -13.38 9.68 -24.34
N ASP B 195 -12.15 10.16 -24.15
CA ASP B 195 -10.97 9.34 -24.12
C ASP B 195 -10.89 8.36 -22.99
N ALA B 196 -10.33 7.16 -23.25
CA ALA B 196 -10.38 6.12 -22.23
C ALA B 196 -9.57 6.43 -20.98
N ARG B 197 -8.48 7.21 -21.13
CA ARG B 197 -7.64 7.53 -20.03
C ARG B 197 -8.33 8.64 -19.19
N VAL B 198 -9.00 9.56 -19.86
CA VAL B 198 -9.83 10.57 -19.15
C VAL B 198 -10.94 9.90 -18.34
N TYR B 199 -11.63 8.99 -18.99
CA TYR B 199 -12.71 8.28 -18.33
C TYR B 199 -12.21 7.39 -17.17
N SER B 200 -11.06 6.75 -17.33
CA SER B 200 -10.46 5.95 -16.30
C SER B 200 -10.07 6.72 -15.06
N TYR B 201 -9.53 7.91 -15.31
CA TYR B 201 -9.18 8.88 -14.23
C TYR B 201 -10.49 9.32 -13.52
N ALA B 202 -11.54 9.73 -14.27
CA ALA B 202 -12.85 10.15 -13.71
C ALA B 202 -13.50 9.08 -12.88
N LEU B 203 -13.41 7.82 -13.36
CA LEU B 203 -13.85 6.69 -12.56
C LEU B 203 -13.20 6.52 -11.25
N ALA B 204 -11.87 6.49 -11.21
CA ALA B 204 -11.10 6.33 -9.99
C ALA B 204 -11.33 7.46 -8.98
N LEU B 205 -11.55 8.70 -9.45
CA LEU B 205 -11.95 9.81 -8.55
C LEU B 205 -13.23 9.49 -7.76
N LYS B 206 -14.25 8.99 -8.44
CA LYS B 206 -15.45 8.43 -7.79
C LYS B 206 -15.19 7.18 -6.96
N HIS B 207 -14.37 6.24 -7.41
CA HIS B 207 -14.17 4.98 -6.68
C HIS B 207 -13.23 5.06 -5.42
N ALA B 208 -12.47 6.14 -5.34
CA ALA B 208 -11.53 6.29 -4.24
C ALA B 208 -12.27 6.26 -2.88
N ASN B 209 -11.55 5.70 -1.91
CA ASN B 209 -12.00 5.27 -0.54
C ASN B 209 -12.78 3.96 -0.51
N GLN C 16 -15.99 -11.43 14.29
CA GLN C 16 -16.13 -10.61 15.54
C GLN C 16 -16.07 -9.13 15.21
N TYR C 17 -16.73 -8.30 16.00
CA TYR C 17 -16.74 -6.85 15.78
C TYR C 17 -17.18 -6.15 17.03
N ILE C 18 -16.95 -4.82 17.04
CA ILE C 18 -16.99 -4.00 18.23
C ILE C 18 -18.33 -3.28 18.33
N ILE C 19 -19.22 -3.86 19.13
CA ILE C 19 -20.58 -3.30 19.38
C ILE C 19 -20.56 -1.87 20.01
N SER C 20 -20.07 -1.71 21.24
CA SER C 20 -20.29 -0.47 21.98
C SER C 20 -19.06 -0.06 22.79
N GLU C 21 -18.69 1.23 22.69
CA GLU C 21 -17.56 1.83 23.44
C GLU C 21 -18.09 2.69 24.59
N GLU C 22 -18.18 2.09 25.78
CA GLU C 22 -18.76 2.72 26.96
C GLU C 22 -17.69 3.28 27.91
N LEU C 23 -17.67 4.62 28.06
CA LEU C 23 -16.66 5.33 28.87
C LEU C 23 -16.80 5.12 30.40
N ILE C 24 -15.77 4.55 31.04
CA ILE C 24 -15.77 4.24 32.51
C ILE C 24 -14.99 5.21 33.41
N SER C 25 -14.10 6.02 32.83
CA SER C 25 -13.29 7.02 33.55
C SER C 25 -12.23 7.61 32.62
N GLU C 26 -12.12 8.95 32.58
CA GLU C 26 -11.29 9.67 31.63
C GLU C 26 -10.48 10.75 32.32
N GLY C 27 -9.15 10.59 32.31
CA GLY C 27 -8.23 11.55 32.95
C GLY C 27 -7.65 12.56 32.02
N LYS C 28 -6.62 13.25 32.48
CA LYS C 28 -5.90 14.26 31.69
C LYS C 28 -5.06 13.65 30.55
N TRP C 29 -4.64 12.38 30.71
CA TRP C 29 -3.79 11.65 29.71
C TRP C 29 -4.21 10.24 29.27
N VAL C 30 -5.06 9.53 30.02
CA VAL C 30 -5.51 8.14 29.70
C VAL C 30 -7.05 7.91 29.99
N LYS C 31 -7.66 6.83 29.49
CA LYS C 31 -9.07 6.50 29.77
C LYS C 31 -9.31 5.00 29.92
N LEU C 32 -10.29 4.63 30.77
CA LEU C 32 -10.77 3.24 30.86
C LEU C 32 -12.10 3.15 30.05
N GLU C 33 -12.49 1.96 29.56
CA GLU C 33 -13.74 1.82 28.81
C GLU C 33 -14.28 0.43 28.88
N LYS C 34 -15.60 0.28 28.85
CA LYS C 34 -16.24 -1.02 28.67
C LYS C 34 -16.51 -1.17 27.16
N THR C 35 -16.28 -2.37 26.63
CA THR C 35 -16.16 -2.62 25.19
C THR C 35 -16.95 -3.88 24.77
N THR C 36 -18.18 -3.70 24.29
CA THR C 36 -19.06 -4.85 24.07
C THR C 36 -18.84 -5.37 22.67
N TYR C 37 -18.80 -6.69 22.52
CA TYR C 37 -18.24 -7.28 21.31
C TYR C 37 -18.95 -8.61 20.96
N MET C 38 -19.26 -8.85 19.69
CA MET C 38 -19.83 -10.13 19.27
C MET C 38 -18.71 -11.13 19.08
N ASP C 39 -18.81 -12.29 19.73
CA ASP C 39 -17.79 -13.33 19.63
C ASP C 39 -18.00 -14.09 18.37
N PRO C 40 -17.06 -15.01 18.06
CA PRO C 40 -17.14 -15.75 16.79
C PRO C 40 -18.38 -16.68 16.63
N THR C 41 -18.84 -17.32 17.71
CA THR C 41 -20.04 -18.17 17.68
C THR C 41 -21.38 -17.39 17.59
N GLY C 42 -21.46 -16.19 18.21
CA GLY C 42 -22.69 -15.38 18.25
C GLY C 42 -22.98 -14.75 19.61
N LYS C 43 -22.41 -15.32 20.69
CA LYS C 43 -22.40 -14.72 22.04
C LYS C 43 -21.79 -13.30 22.12
N THR C 44 -22.66 -12.33 22.47
CA THR C 44 -22.30 -10.97 22.97
C THR C 44 -21.41 -11.10 24.26
N ARG C 45 -20.24 -10.42 24.26
CA ARG C 45 -19.32 -10.36 25.41
C ARG C 45 -18.75 -8.96 25.57
N THR C 46 -18.06 -8.70 26.68
CA THR C 46 -17.63 -7.33 27.04
C THR C 46 -16.15 -7.27 27.52
N TRP C 47 -15.63 -6.05 27.64
CA TRP C 47 -14.18 -5.80 27.89
C TRP C 47 -13.88 -4.42 28.44
N GLU C 48 -13.00 -4.33 29.44
CA GLU C 48 -12.53 -3.06 30.03
C GLU C 48 -11.24 -2.53 29.32
N SER C 49 -11.45 -1.83 28.21
CA SER C 49 -10.35 -1.37 27.36
C SER C 49 -9.65 -0.15 27.92
N VAL C 50 -8.35 0.01 27.65
CA VAL C 50 -7.68 1.28 27.98
C VAL C 50 -7.24 1.89 26.66
N LYS C 51 -7.26 3.23 26.59
CA LYS C 51 -6.95 4.01 25.43
C LYS C 51 -6.38 5.35 25.94
N ARG C 52 -5.32 5.91 25.34
CA ARG C 52 -4.83 7.29 25.73
C ARG C 52 -5.74 8.32 25.17
N THR C 53 -5.57 9.57 25.61
CA THR C 53 -6.43 10.70 25.21
C THR C 53 -5.79 11.69 24.27
N THR C 54 -4.53 11.46 23.89
CA THR C 54 -3.69 12.39 23.13
C THR C 54 -3.71 12.13 21.60
N ARG C 55 -4.26 10.99 21.14
CA ARG C 55 -4.21 10.61 19.73
C ARG C 55 -5.10 11.53 18.87
N LYS C 56 -4.84 11.54 17.56
CA LYS C 56 -5.58 12.39 16.62
C LYS C 56 -5.72 11.66 15.30
N GLN C 58 -3.03 11.45 13.67
CA GLN C 58 -1.85 10.64 13.96
C GLN C 58 -2.04 9.22 13.43
N THR C 59 -0.97 8.67 12.84
CA THR C 59 -0.93 7.26 12.39
C THR C 59 -0.89 6.27 13.56
N ALA C 60 -0.49 6.78 14.71
CA ALA C 60 -0.31 6.01 15.91
C ALA C 60 -0.11 6.98 17.02
N ASP C 61 -0.20 6.47 18.25
CA ASP C 61 0.09 7.26 19.40
C ASP C 61 1.54 7.71 19.34
N GLY C 62 2.46 6.76 19.08
CA GLY C 62 3.91 7.11 19.30
C GLY C 62 4.87 6.54 18.30
N VAL C 63 6.17 6.80 18.54
CA VAL C 63 7.21 6.06 17.82
C VAL C 63 8.24 5.48 18.83
N ALA C 64 8.87 4.38 18.47
CA ALA C 64 10.04 3.83 19.21
C ALA C 64 11.13 3.77 18.13
N VAL C 65 12.36 4.10 18.49
CA VAL C 65 13.41 4.26 17.53
C VAL C 65 14.36 3.16 17.87
N ILE C 66 14.73 2.36 16.87
CA ILE C 66 15.82 1.40 16.99
C ILE C 66 17.07 2.08 16.41
N PRO C 67 17.97 2.61 17.29
CA PRO C 67 19.02 3.45 16.81
C PRO C 67 20.33 2.68 16.76
N VAL C 68 20.79 2.45 15.54
CA VAL C 68 21.95 1.60 15.27
C VAL C 68 23.12 2.57 15.02
N LEU C 69 23.97 2.58 16.02
CA LEU C 69 25.18 3.38 16.02
C LEU C 69 26.25 2.64 15.24
N GLN C 70 26.65 3.23 14.15
CA GLN C 70 27.54 2.69 13.16
C GLN C 70 28.85 3.42 13.14
N ARG C 71 29.94 2.69 13.22
CA ARG C 71 31.32 3.32 13.29
C ARG C 71 32.33 2.52 12.49
N THR C 72 33.28 3.16 11.85
CA THR C 72 34.20 2.42 10.94
C THR C 72 34.95 1.34 11.68
N LEU C 73 35.33 1.66 12.91
CA LEU C 73 36.21 0.80 13.67
C LEU C 73 35.54 -0.21 14.57
N HIS C 74 34.20 -0.24 14.62
CA HIS C 74 33.55 -1.00 15.69
C HIS C 74 32.38 -1.80 15.17
N TYR C 75 32.03 -2.84 15.90
CA TYR C 75 30.71 -3.48 15.68
C TYR C 75 29.63 -2.47 16.03
N GLU C 76 28.43 -2.70 15.51
CA GLU C 76 27.33 -1.80 15.73
C GLU C 76 26.88 -1.85 17.16
N CYS C 77 26.40 -0.71 17.66
CA CYS C 77 25.72 -0.70 18.93
C CYS C 77 24.27 -0.29 18.77
N ILE C 78 23.49 -0.71 19.73
CA ILE C 78 22.06 -0.31 19.80
C ILE C 78 22.03 0.72 20.92
N VAL C 79 21.52 1.93 20.62
CA VAL C 79 21.44 3.00 21.65
C VAL C 79 20.09 2.90 22.40
N LEU C 80 20.12 2.77 23.72
CA LEU C 80 18.94 2.65 24.55
C LEU C 80 18.95 3.82 25.56
N VAL C 81 17.79 3.99 26.18
CA VAL C 81 17.66 4.97 27.26
C VAL C 81 17.15 4.37 28.55
N LYS C 82 17.60 4.92 29.67
CA LYS C 82 17.14 4.49 30.96
C LYS C 82 16.46 5.70 31.61
N GLN C 83 15.29 5.44 32.15
CA GLN C 83 14.53 6.49 32.82
C GLN C 83 13.66 5.90 33.88
N PHE C 84 13.32 6.76 34.85
CA PHE C 84 12.40 6.41 35.88
C PHE C 84 11.04 6.52 35.22
N ARG C 85 10.24 5.51 35.43
CA ARG C 85 8.88 5.37 34.90
C ARG C 85 7.90 5.21 36.09
N PRO C 86 7.13 6.30 36.36
CA PRO C 86 6.14 6.26 37.48
C PRO C 86 5.23 5.07 37.56
N PRO C 87 4.64 4.61 36.43
CA PRO C 87 3.80 3.43 36.55
C PRO C 87 4.51 2.20 37.08
N MET C 88 5.77 2.04 36.69
CA MET C 88 6.57 0.89 37.08
C MET C 88 7.20 1.04 38.48
N GLY C 89 7.28 2.26 38.98
CA GLY C 89 7.95 2.53 40.25
C GLY C 89 9.45 2.36 40.24
N GLY C 90 10.05 2.40 39.05
CA GLY C 90 11.45 2.14 38.94
C GLY C 90 11.91 2.52 37.55
N TYR C 91 13.15 2.18 37.33
CA TYR C 91 13.88 2.53 36.13
C TYR C 91 13.71 1.45 35.10
N CYS C 92 13.64 1.91 33.84
CA CYS C 92 13.42 0.97 32.75
C CYS C 92 14.37 1.25 31.65
N ILE C 93 14.77 0.18 30.93
CA ILE C 93 15.67 0.32 29.79
C ILE C 93 14.80 0.13 28.53
N GLU C 94 14.85 1.10 27.64
CA GLU C 94 13.91 1.20 26.50
C GLU C 94 14.58 1.72 25.25
N PHE C 95 13.90 1.52 24.09
CA PHE C 95 14.25 2.28 22.94
C PHE C 95 13.86 3.76 23.15
N PRO C 96 14.66 4.67 22.65
CA PRO C 96 14.22 6.08 22.61
C PRO C 96 12.81 6.14 21.96
N ALA C 97 11.90 6.90 22.57
CA ALA C 97 10.51 6.86 22.21
C ALA C 97 9.78 8.10 22.66
N GLY C 98 8.70 8.44 21.97
CA GLY C 98 7.82 9.50 22.40
C GLY C 98 6.57 9.60 21.52
N LEU C 99 5.68 10.48 21.91
CA LEU C 99 4.41 10.65 21.18
C LEU C 99 4.67 11.46 19.88
N ILE C 100 3.98 11.07 18.80
CA ILE C 100 4.00 11.87 17.56
C ILE C 100 3.23 13.21 17.74
N ASP C 101 3.90 14.36 17.59
CA ASP C 101 3.25 15.69 17.61
C ASP C 101 2.19 15.86 16.52
N ASP C 102 1.41 16.94 16.66
CA ASP C 102 0.46 17.39 15.64
C ASP C 102 1.15 17.85 14.35
N GLY C 103 0.73 17.29 13.23
CA GLY C 103 1.31 17.63 11.93
C GLY C 103 2.54 16.79 11.57
N GLU C 104 3.07 16.03 12.53
CA GLU C 104 4.39 15.39 12.44
C GLU C 104 4.28 14.05 11.79
N THR C 105 5.17 13.77 10.87
CA THR C 105 5.31 12.45 10.35
C THR C 105 5.96 11.53 11.46
N PRO C 106 5.67 10.21 11.43
CA PRO C 106 6.38 9.30 12.32
C PRO C 106 7.91 9.41 12.17
N GLU C 107 8.37 9.57 10.93
CA GLU C 107 9.80 9.67 10.70
C GLU C 107 10.42 10.91 11.37
N ALA C 108 9.74 12.06 11.36
CA ALA C 108 10.29 13.28 11.88
C ALA C 108 10.27 13.14 13.43
N ALA C 109 9.17 12.59 13.92
CA ALA C 109 9.03 12.31 15.34
C ALA C 109 10.24 11.47 15.78
N ALA C 110 10.58 10.45 14.99
CA ALA C 110 11.63 9.54 15.36
C ALA C 110 12.97 10.26 15.49
N LEU C 111 13.37 11.08 14.51
CA LEU C 111 14.65 11.78 14.57
C LEU C 111 14.67 12.85 15.67
N ARG C 112 13.53 13.52 15.86
CA ARG C 112 13.36 14.49 16.95
C ARG C 112 13.49 13.80 18.33
N GLU C 113 12.69 12.78 18.57
CA GLU C 113 12.81 12.05 19.89
C GLU C 113 14.18 11.43 20.10
N LEU C 114 14.74 10.86 19.02
CA LEU C 114 16.15 10.44 19.13
C LEU C 114 17.12 11.53 19.56
N GLU C 115 17.09 12.66 18.84
CA GLU C 115 17.98 13.75 19.16
C GLU C 115 17.76 14.23 20.59
N GLU C 116 16.50 14.42 20.98
CA GLU C 116 16.15 14.93 22.31
C GLU C 116 16.61 14.01 23.48
N GLU C 117 16.50 12.72 23.26
CA GLU C 117 16.64 11.78 24.31
C GLU C 117 18.08 11.28 24.36
N THR C 118 18.78 11.33 23.23
CA THR C 118 20.17 10.84 23.19
C THR C 118 21.23 11.81 22.74
N GLY C 119 20.86 12.88 22.02
CA GLY C 119 21.77 13.78 21.34
C GLY C 119 22.28 13.34 19.99
N TYR C 120 22.04 12.08 19.57
CA TYR C 120 22.45 11.68 18.25
C TYR C 120 21.59 12.25 17.10
N LYS C 121 22.26 12.60 16.02
CA LYS C 121 21.62 12.88 14.80
C LYS C 121 21.69 11.67 13.85
N GLY C 122 20.51 11.13 13.50
CA GLY C 122 20.40 9.95 12.65
C GLY C 122 19.75 10.15 11.32
N ASP C 123 19.71 9.06 10.59
CA ASP C 123 19.15 8.93 9.24
C ASP C 123 18.09 7.81 9.32
N ILE C 124 16.89 8.07 8.77
CA ILE C 124 15.87 7.06 8.72
C ILE C 124 16.35 5.91 7.82
N ALA C 125 16.25 4.68 8.31
CA ALA C 125 16.42 3.48 7.50
C ALA C 125 15.09 2.85 7.07
N GLU C 126 14.11 2.80 7.96
CA GLU C 126 12.93 1.98 7.76
C GLU C 126 11.90 2.39 8.79
N CYS C 127 10.62 2.21 8.46
CA CYS C 127 9.54 2.63 9.37
C CYS C 127 8.43 1.62 9.30
N SER C 128 8.06 1.02 10.42
CA SER C 128 7.09 -0.08 10.45
C SER C 128 5.72 0.49 10.20
N PRO C 129 4.77 -0.40 9.87
CA PRO C 129 3.38 0.06 10.01
C PRO C 129 3.01 0.23 11.51
N ALA C 130 1.88 0.86 11.83
CA ALA C 130 1.37 0.90 13.22
C ALA C 130 1.17 -0.50 13.85
N VAL C 131 1.88 -0.71 14.97
CA VAL C 131 2.00 -2.02 15.66
C VAL C 131 1.48 -1.80 17.09
N CYS C 132 0.80 -2.85 17.59
CA CYS C 132 0.09 -2.84 18.86
C CYS C 132 1.14 -3.05 20.02
N MET C 133 0.99 -2.30 21.07
CA MET C 133 1.80 -2.42 22.33
C MET C 133 1.35 -3.52 23.33
N ASP C 134 0.07 -3.52 23.66
CA ASP C 134 -0.45 -4.48 24.60
C ASP C 134 -1.91 -4.75 24.20
N PRO C 135 -2.16 -5.54 23.11
CA PRO C 135 -3.49 -5.50 22.49
C PRO C 135 -4.66 -6.14 23.32
N GLY C 136 -4.35 -7.02 24.28
CA GLY C 136 -5.36 -7.49 25.26
C GLY C 136 -5.75 -6.43 26.32
N LEU C 137 -5.10 -5.29 26.31
CA LEU C 137 -5.29 -4.27 27.32
C LEU C 137 -5.50 -2.92 26.83
N SER C 138 -4.79 -2.51 25.79
CA SER C 138 -4.95 -1.17 25.35
C SER C 138 -4.97 -1.26 23.83
N ASN C 139 -5.35 -0.15 23.25
CA ASN C 139 -5.30 -0.04 21.78
C ASN C 139 -4.04 0.70 21.36
N CYS C 140 -3.12 0.92 22.30
CA CYS C 140 -1.99 1.83 22.03
C CYS C 140 -1.14 1.31 20.87
N THR C 141 -0.76 2.25 19.98
CA THR C 141 0.04 1.97 18.79
C THR C 141 1.31 2.82 18.72
N ILE C 142 2.32 2.23 18.08
CA ILE C 142 3.50 2.94 17.61
C ILE C 142 3.94 2.56 16.23
N HIS C 143 4.82 3.39 15.62
CA HIS C 143 5.70 2.96 14.56
C HIS C 143 7.11 2.68 15.15
N ILE C 144 7.68 1.56 14.78
CA ILE C 144 9.05 1.19 15.11
C ILE C 144 9.82 1.70 13.91
N VAL C 145 10.68 2.69 14.18
CA VAL C 145 11.46 3.30 13.15
C VAL C 145 12.96 2.99 13.39
N THR C 146 13.56 2.24 12.44
CA THR C 146 14.97 1.96 12.41
C THR C 146 15.70 3.21 11.95
N VAL C 147 16.72 3.63 12.74
CA VAL C 147 17.48 4.82 12.42
C VAL C 147 18.92 4.53 12.51
N THR C 148 19.70 4.90 11.49
CA THR C 148 21.19 4.62 11.52
C THR C 148 21.81 5.89 12.05
N ILE C 149 22.84 5.77 12.86
CA ILE C 149 23.57 6.94 13.34
C ILE C 149 25.03 6.80 12.91
N ASN C 150 25.54 7.80 12.18
CA ASN C 150 26.94 7.80 11.76
C ASN C 150 27.73 8.34 12.95
N GLY C 151 28.29 7.40 13.66
CA GLY C 151 29.14 7.64 14.85
C GLY C 151 30.45 8.30 14.60
N ASP C 152 30.92 8.32 13.37
CA ASP C 152 32.21 8.89 13.01
C ASP C 152 32.09 10.31 12.53
N ASP C 153 30.87 10.77 12.30
CA ASP C 153 30.67 12.13 11.80
C ASP C 153 30.94 13.05 12.93
N ALA C 154 31.69 14.12 12.61
CA ALA C 154 31.99 15.10 13.62
C ALA C 154 30.74 15.60 14.36
N GLU C 155 29.60 15.74 13.66
CA GLU C 155 28.39 16.23 14.33
C GLU C 155 27.90 15.30 15.46
N ASN C 156 28.29 14.01 15.45
CA ASN C 156 27.95 13.09 16.51
C ASN C 156 29.11 12.83 17.50
N ALA C 157 30.12 13.69 17.51
CA ALA C 157 31.28 13.48 18.41
C ALA C 157 30.94 13.49 19.91
N ARG C 158 30.11 14.43 20.31
CA ARG C 158 29.84 14.65 21.74
C ARG C 158 28.35 14.82 21.86
N PRO C 159 27.56 13.74 21.67
CA PRO C 159 26.12 13.84 21.77
C PRO C 159 25.59 14.27 23.16
N LYS C 160 24.67 15.26 23.22
CA LYS C 160 24.05 15.69 24.50
C LYS C 160 22.56 15.65 24.40
N PRO C 161 21.92 14.82 25.23
CA PRO C 161 20.49 14.90 25.20
C PRO C 161 20.05 16.35 25.48
N LYS C 162 18.89 16.70 24.97
CA LYS C 162 18.28 18.00 25.27
C LYS C 162 16.85 17.64 25.60
N PRO C 163 16.63 17.11 26.81
CA PRO C 163 15.32 16.55 27.11
C PRO C 163 14.34 17.62 27.63
N GLY C 164 13.04 17.35 27.45
CA GLY C 164 11.99 18.24 27.93
C GLY C 164 12.16 18.45 29.42
N ASP C 165 11.73 19.62 29.91
CA ASP C 165 11.60 19.82 31.34
C ASP C 165 10.75 18.64 31.85
N GLY C 166 11.11 18.11 33.01
CA GLY C 166 10.45 16.90 33.47
C GLY C 166 10.82 15.60 32.76
N GLU C 167 11.81 15.61 31.85
CA GLU C 167 12.33 14.39 31.25
C GLU C 167 13.77 14.22 31.71
N PHE C 168 14.09 13.04 32.24
CA PHE C 168 15.39 12.74 32.79
C PHE C 168 15.82 11.40 32.20
N VAL C 169 16.84 11.45 31.36
CA VAL C 169 17.21 10.32 30.49
C VAL C 169 18.69 10.10 30.54
N GLU C 170 19.09 8.81 30.63
CA GLU C 170 20.47 8.39 30.63
C GLU C 170 20.62 7.48 29.44
N VAL C 171 21.70 7.68 28.69
CA VAL C 171 21.94 6.95 27.44
C VAL C 171 22.83 5.78 27.76
N ILE C 172 22.48 4.64 27.18
CA ILE C 172 23.26 3.41 27.31
C ILE C 172 23.34 2.78 25.91
N SER C 173 24.55 2.66 25.36
CA SER C 173 24.80 1.94 24.09
C SER C 173 25.45 0.59 24.27
N LEU C 174 24.80 -0.45 23.76
CA LEU C 174 25.23 -1.82 23.95
C LEU C 174 25.51 -2.49 22.58
N PRO C 175 26.55 -3.31 22.45
CA PRO C 175 26.83 -3.98 21.15
C PRO C 175 25.66 -4.85 20.66
N LYS C 176 25.31 -4.69 19.39
CA LYS C 176 24.21 -5.38 18.80
C LYS C 176 24.50 -6.94 18.84
N ASN C 177 25.76 -7.26 18.56
CA ASN C 177 26.23 -8.71 18.57
C ASN C 177 26.37 -9.37 19.97
N ASP C 178 26.01 -8.62 21.03
CA ASP C 178 25.96 -9.16 22.41
C ASP C 178 24.82 -8.57 23.25
N LEU C 179 23.70 -8.24 22.61
CA LEU C 179 22.69 -7.36 23.27
C LEU C 179 22.06 -7.98 24.49
N LEU C 180 21.59 -9.21 24.31
CA LEU C 180 20.88 -9.90 25.34
C LEU C 180 21.71 -10.14 26.60
N GLN C 181 22.89 -10.71 26.44
CA GLN C 181 23.87 -10.89 27.57
C GLN C 181 24.18 -9.56 28.29
N ARG C 182 24.47 -8.56 27.53
CA ARG C 182 24.65 -7.23 28.09
C ARG C 182 23.44 -6.64 28.83
N LEU C 183 22.20 -6.82 28.32
CA LEU C 183 21.00 -6.45 29.07
C LEU C 183 20.84 -7.24 30.39
N ASP C 184 20.98 -8.54 30.26
CA ASP C 184 21.00 -9.48 31.39
C ASP C 184 22.03 -9.05 32.45
N ALA C 185 23.19 -8.55 32.05
CA ALA C 185 24.19 -8.06 33.04
C ALA C 185 23.83 -6.70 33.67
N LEU C 186 23.04 -5.86 33.01
CA LEU C 186 22.51 -4.62 33.65
C LEU C 186 21.51 -4.90 34.73
N VAL C 187 20.56 -5.77 34.37
CA VAL C 187 19.52 -6.28 35.22
C VAL C 187 20.15 -6.95 36.47
N ALA C 188 21.36 -7.52 36.35
CA ALA C 188 22.09 -8.12 37.52
C ALA C 188 22.65 -7.12 38.50
N GLU C 189 23.26 -6.06 37.99
CA GLU C 189 23.86 -5.01 38.81
C GLU C 189 22.81 -4.12 39.57
N GLU C 190 21.61 -3.91 38.99
CA GLU C 190 20.63 -2.93 39.49
C GLU C 190 19.20 -3.47 39.43
N HIS C 191 18.29 -2.92 40.23
CA HIS C 191 16.86 -3.13 39.95
C HIS C 191 16.49 -2.21 38.78
N LEU C 192 16.41 -2.81 37.61
CA LEU C 192 15.80 -2.12 36.51
C LEU C 192 15.07 -3.12 35.66
N THR C 193 14.14 -2.61 34.86
CA THR C 193 13.27 -3.53 34.05
C THR C 193 13.62 -3.26 32.58
N VAL C 194 13.79 -4.32 31.79
CA VAL C 194 14.00 -4.12 30.35
C VAL C 194 12.62 -4.07 29.66
N ASP C 195 12.49 -3.21 28.70
CA ASP C 195 11.31 -3.16 27.83
C ASP C 195 11.14 -4.41 26.98
N ALA C 196 9.89 -4.84 26.88
CA ALA C 196 9.52 -6.04 26.11
C ALA C 196 9.91 -5.99 24.65
N ARG C 197 9.86 -4.80 24.02
CA ARG C 197 10.27 -4.71 22.59
C ARG C 197 11.77 -4.81 22.45
N VAL C 198 12.46 -4.19 23.38
CA VAL C 198 13.90 -4.35 23.44
C VAL C 198 14.36 -5.81 23.62
N TYR C 199 13.76 -6.50 24.58
CA TYR C 199 14.11 -7.88 24.86
C TYR C 199 13.78 -8.79 23.67
N SER C 200 12.66 -8.54 23.02
CA SER C 200 12.23 -9.35 21.87
C SER C 200 13.25 -9.17 20.75
N TYR C 201 13.71 -7.94 20.58
CA TYR C 201 14.71 -7.59 19.60
C TYR C 201 16.03 -8.31 19.95
N ALA C 202 16.46 -8.24 21.22
CA ALA C 202 17.73 -8.96 21.64
C ALA C 202 17.66 -10.51 21.44
N LEU C 203 16.51 -11.06 21.71
CA LEU C 203 16.34 -12.54 21.57
C LEU C 203 16.49 -12.98 20.09
N ALA C 204 15.79 -12.29 19.22
CA ALA C 204 15.92 -12.54 17.75
C ALA C 204 17.35 -12.30 17.24
N LEU C 205 18.07 -11.30 17.81
CA LEU C 205 19.44 -11.14 17.41
C LEU C 205 20.21 -12.43 17.78
N LYS C 206 19.97 -12.98 18.97
CA LYS C 206 20.65 -14.23 19.45
C LYS C 206 20.23 -15.46 18.62
N HIS C 207 18.97 -15.51 18.28
CA HIS C 207 18.38 -16.68 17.56
C HIS C 207 18.68 -16.74 16.09
N ALA C 208 18.88 -15.59 15.44
CA ALA C 208 19.14 -15.64 13.98
C ALA C 208 20.17 -16.72 13.63
N LYS D 15 17.69 7.98 43.26
CA LYS D 15 17.52 9.37 42.78
C LYS D 15 16.03 9.69 42.77
N GLN D 16 15.23 9.09 41.87
CA GLN D 16 13.78 9.33 41.85
C GLN D 16 13.04 8.27 42.61
N TYR D 17 11.84 8.57 43.11
CA TYR D 17 11.02 7.59 43.83
C TYR D 17 9.53 7.90 43.87
N ILE D 18 8.73 6.85 44.12
CA ILE D 18 7.26 6.93 44.30
C ILE D 18 6.95 7.50 45.68
N ILE D 19 5.93 8.35 45.76
CA ILE D 19 5.42 8.96 47.03
C ILE D 19 4.07 8.38 47.39
N SER D 20 3.14 8.40 46.45
CA SER D 20 1.80 7.93 46.62
C SER D 20 1.17 7.43 45.35
N GLU D 21 0.12 6.68 45.55
CA GLU D 21 -0.63 6.06 44.51
C GLU D 21 -2.12 6.27 44.85
N GLU D 22 -2.72 7.33 44.32
CA GLU D 22 -4.14 7.66 44.57
C GLU D 22 -4.96 6.92 43.54
N LEU D 23 -5.84 6.02 44.00
CA LEU D 23 -6.75 5.28 43.12
C LEU D 23 -7.73 6.27 42.53
N ILE D 24 -8.04 6.12 41.24
CA ILE D 24 -9.02 7.00 40.56
C ILE D 24 -10.21 6.22 39.99
N SER D 25 -10.01 4.99 39.54
CA SER D 25 -11.15 4.16 39.13
C SER D 25 -10.71 2.68 38.99
N GLU D 26 -11.50 1.76 39.54
CA GLU D 26 -11.16 0.33 39.58
C GLU D 26 -12.06 -0.42 38.57
N GLY D 27 -12.16 -1.74 38.71
CA GLY D 27 -12.85 -2.58 37.72
C GLY D 27 -12.46 -4.04 37.89
N LYS D 28 -13.16 -4.93 37.21
CA LYS D 28 -12.94 -6.38 37.38
C LYS D 28 -11.55 -6.88 36.92
N TRP D 29 -10.93 -6.17 35.99
CA TRP D 29 -9.62 -6.58 35.40
C TRP D 29 -8.49 -5.52 35.35
N VAL D 30 -8.84 -4.23 35.44
CA VAL D 30 -7.89 -3.12 35.29
C VAL D 30 -8.35 -1.91 36.08
N LYS D 31 -7.42 -1.04 36.49
CA LYS D 31 -7.66 0.18 37.30
C LYS D 31 -6.74 1.36 36.92
N LEU D 32 -7.10 2.57 37.34
CA LEU D 32 -6.41 3.82 36.98
C LEU D 32 -5.99 4.63 38.22
N GLU D 33 -4.81 5.28 38.18
CA GLU D 33 -4.25 6.00 39.35
C GLU D 33 -3.41 7.21 39.07
N LYS D 34 -3.51 8.22 39.93
CA LYS D 34 -2.60 9.36 39.92
C LYS D 34 -1.40 9.02 40.81
N THR D 35 -0.25 8.80 40.18
CA THR D 35 0.99 8.45 40.88
C THR D 35 1.71 9.73 41.16
N THR D 36 2.14 9.95 42.41
CA THR D 36 2.97 11.10 42.75
C THR D 36 4.40 10.64 42.98
N TYR D 37 5.37 11.33 42.39
CA TYR D 37 6.77 10.91 42.54
C TYR D 37 7.64 12.10 42.63
N MET D 38 8.84 11.88 43.16
CA MET D 38 9.87 12.86 43.24
C MET D 38 10.78 12.72 42.05
N ASP D 39 10.98 13.83 41.35
CA ASP D 39 11.92 13.90 40.22
C ASP D 39 13.33 14.07 40.72
N PRO D 40 14.31 14.06 39.84
CA PRO D 40 15.69 14.08 40.38
C PRO D 40 16.18 15.43 40.93
N THR D 41 15.53 16.52 40.52
CA THR D 41 15.85 17.86 41.02
C THR D 41 15.44 18.04 42.50
N GLY D 42 14.50 17.20 42.98
CA GLY D 42 13.80 17.40 44.24
C GLY D 42 12.38 17.95 44.08
N LYS D 43 11.85 18.00 42.86
CA LYS D 43 10.45 18.45 42.63
C LYS D 43 9.46 17.28 42.53
N THR D 44 8.35 17.39 43.25
CA THR D 44 7.23 16.45 43.18
C THR D 44 6.50 16.63 41.84
N ARG D 45 6.07 15.52 41.23
CA ARG D 45 5.27 15.55 40.01
C ARG D 45 4.25 14.45 40.07
N THR D 46 3.36 14.39 39.10
CA THR D 46 2.38 13.32 39.08
C THR D 46 2.37 12.62 37.74
N TRP D 47 1.69 11.48 37.69
CA TRP D 47 1.54 10.68 36.49
C TRP D 47 0.25 9.85 36.52
N GLU D 48 -0.54 9.82 35.43
CA GLU D 48 -1.63 8.83 35.28
C GLU D 48 -1.19 7.46 34.71
N SER D 49 -1.56 6.39 35.40
CA SER D 49 -1.04 5.03 35.17
C SER D 49 -2.13 3.99 35.32
N VAL D 50 -1.97 2.90 34.59
CA VAL D 50 -2.90 1.82 34.59
C VAL D 50 -2.23 0.61 35.22
N LYS D 51 -3.01 -0.17 35.99
CA LYS D 51 -2.54 -1.45 36.49
C LYS D 51 -3.66 -2.48 36.40
N ARG D 52 -3.29 -3.74 36.17
CA ARG D 52 -4.23 -4.86 36.20
C ARG D 52 -4.51 -5.23 37.67
N THR D 53 -5.67 -5.85 37.91
CA THR D 53 -6.08 -6.23 39.28
C THR D 53 -5.70 -7.67 39.56
N THR D 54 -5.35 -8.43 38.53
CA THR D 54 -5.23 -9.88 38.61
C THR D 54 -3.88 -10.29 39.25
N ALA D 60 5.34 -11.63 37.50
CA ALA D 60 4.79 -10.88 36.32
C ALA D 60 3.28 -11.14 36.05
N ASP D 61 2.60 -10.20 35.39
CA ASP D 61 1.18 -10.42 34.99
C ASP D 61 0.99 -11.61 34.01
N GLY D 62 1.77 -11.61 32.93
CA GLY D 62 1.67 -12.66 31.88
C GLY D 62 2.94 -13.36 31.37
N VAL D 63 2.70 -14.22 30.39
CA VAL D 63 3.76 -14.82 29.58
C VAL D 63 3.40 -14.50 28.13
N ALA D 64 4.44 -14.43 27.31
CA ALA D 64 4.36 -14.53 25.81
C ALA D 64 5.31 -15.59 25.41
N VAL D 65 4.95 -16.45 24.44
CA VAL D 65 5.78 -17.51 24.01
C VAL D 65 6.27 -17.21 22.61
N ILE D 66 7.57 -17.48 22.42
CA ILE D 66 8.24 -17.52 21.15
C ILE D 66 8.47 -19.00 20.78
N PRO D 67 7.55 -19.55 19.96
CA PRO D 67 7.65 -20.99 19.65
C PRO D 67 8.35 -21.29 18.30
N VAL D 68 9.52 -21.91 18.34
CA VAL D 68 10.28 -22.27 17.16
C VAL D 68 9.94 -23.74 16.79
N LEU D 69 9.13 -23.97 15.75
CA LEU D 69 8.85 -25.35 15.19
C LEU D 69 10.03 -26.03 14.39
N GLN D 70 10.69 -27.04 14.94
CA GLN D 70 11.90 -27.65 14.33
C GLN D 70 11.69 -29.09 13.81
N ARG D 71 11.83 -29.27 12.50
CA ARG D 71 11.82 -30.59 11.82
C ARG D 71 13.20 -30.82 11.19
N THR D 72 13.82 -31.99 11.39
CA THR D 72 15.09 -32.25 10.70
C THR D 72 14.90 -32.13 9.19
N LEU D 73 15.96 -31.71 8.50
CA LEU D 73 15.87 -31.48 7.05
C LEU D 73 14.88 -30.39 6.57
N HIS D 74 14.41 -29.51 7.46
CA HIS D 74 13.49 -28.43 7.03
C HIS D 74 13.87 -27.10 7.68
N TYR D 75 13.31 -26.01 7.19
CA TYR D 75 13.47 -24.62 7.76
C TYR D 75 12.75 -24.62 9.10
N GLU D 76 13.14 -23.72 10.00
CA GLU D 76 12.29 -23.38 11.18
C GLU D 76 11.14 -22.46 10.86
N CYS D 77 10.06 -22.57 11.64
CA CYS D 77 8.88 -21.70 11.58
C CYS D 77 8.58 -21.20 12.99
N ILE D 78 7.95 -20.04 13.04
CA ILE D 78 7.67 -19.32 14.25
C ILE D 78 6.14 -19.37 14.34
N VAL D 79 5.66 -20.06 15.37
CA VAL D 79 4.26 -20.34 15.45
C VAL D 79 3.65 -19.12 16.12
N LEU D 80 2.67 -18.51 15.47
CA LEU D 80 2.12 -17.24 15.90
C LEU D 80 0.60 -17.35 15.76
N VAL D 81 -0.15 -16.69 16.65
CA VAL D 81 -1.62 -16.86 16.74
C VAL D 81 -2.30 -15.60 16.41
N LYS D 82 -3.50 -15.68 15.77
CA LYS D 82 -4.37 -14.47 15.56
C LYS D 82 -5.65 -14.71 16.25
N GLN D 83 -6.21 -13.60 16.70
CA GLN D 83 -7.44 -13.56 17.44
C GLN D 83 -7.83 -12.09 17.48
N PHE D 84 -9.11 -11.85 17.78
CA PHE D 84 -9.73 -10.51 17.89
C PHE D 84 -9.46 -9.98 19.27
N ARG D 85 -9.10 -8.69 19.35
CA ARG D 85 -8.65 -8.06 20.59
C ARG D 85 -9.57 -6.88 20.79
N PRO D 86 -10.51 -6.99 21.72
CA PRO D 86 -11.46 -5.88 21.94
C PRO D 86 -10.95 -4.50 22.15
N PRO D 87 -9.83 -4.33 22.91
CA PRO D 87 -9.31 -2.96 23.00
C PRO D 87 -8.81 -2.38 21.61
N MET D 88 -8.35 -3.25 20.72
CA MET D 88 -7.84 -2.83 19.40
C MET D 88 -8.93 -2.81 18.31
N GLY D 89 -10.12 -3.33 18.58
CA GLY D 89 -11.07 -3.41 17.52
C GLY D 89 -10.71 -4.30 16.35
N GLY D 90 -9.79 -5.25 16.50
CA GLY D 90 -9.48 -5.94 15.26
C GLY D 90 -8.71 -7.13 15.59
N TYR D 91 -8.40 -7.90 14.59
CA TYR D 91 -7.62 -9.08 14.83
C TYR D 91 -6.11 -8.67 14.93
N CYS D 92 -5.35 -9.39 15.81
CA CYS D 92 -3.96 -9.13 16.05
C CYS D 92 -3.23 -10.39 15.81
N ILE D 93 -2.05 -10.19 15.30
CA ILE D 93 -1.16 -11.30 15.12
C ILE D 93 -0.14 -11.13 16.29
N GLU D 94 -0.02 -12.19 17.12
CA GLU D 94 0.82 -12.16 18.36
C GLU D 94 1.49 -13.43 18.63
N PHE D 95 2.45 -13.35 19.54
CA PHE D 95 3.08 -14.51 20.05
C PHE D 95 1.96 -15.12 20.93
N PRO D 96 1.88 -16.44 20.98
CA PRO D 96 0.82 -16.95 21.93
C PRO D 96 1.18 -16.43 23.34
N ALA D 97 0.18 -15.97 24.07
CA ALA D 97 0.39 -15.40 25.40
C ALA D 97 -0.75 -15.80 26.33
N GLY D 98 -0.49 -15.69 27.63
CA GLY D 98 -1.58 -15.70 28.61
C GLY D 98 -1.16 -15.17 29.97
N LEU D 99 -2.12 -14.89 30.86
CA LEU D 99 -1.81 -14.61 32.28
C LEU D 99 -1.29 -15.85 33.02
N ILE D 100 -0.47 -15.58 34.04
CA ILE D 100 0.07 -16.64 34.83
C ILE D 100 -0.98 -16.87 35.92
N ASP D 101 -1.29 -18.15 36.16
CA ASP D 101 -2.24 -18.56 37.22
C ASP D 101 -1.48 -18.52 38.58
N ASP D 102 -2.16 -18.20 39.68
CA ASP D 102 -1.53 -18.31 41.03
C ASP D 102 -0.90 -19.70 41.26
N GLY D 103 0.37 -19.72 41.70
CA GLY D 103 1.08 -20.97 42.08
C GLY D 103 1.66 -21.79 40.94
N GLU D 104 1.93 -21.12 39.83
CA GLU D 104 2.38 -21.73 38.59
C GLU D 104 3.56 -20.90 38.12
N THR D 105 4.67 -21.55 37.76
CA THR D 105 5.88 -20.85 37.29
C THR D 105 5.62 -20.29 35.88
N PRO D 106 6.36 -19.23 35.47
CA PRO D 106 6.35 -18.81 34.05
C PRO D 106 6.60 -19.94 33.01
N GLU D 107 7.60 -20.79 33.24
CA GLU D 107 7.90 -21.86 32.29
C GLU D 107 6.71 -22.78 32.11
N ALA D 108 6.00 -23.11 33.19
CA ALA D 108 4.90 -24.07 33.10
C ALA D 108 3.72 -23.34 32.47
N ALA D 109 3.57 -22.05 32.76
CA ALA D 109 2.47 -21.30 32.12
C ALA D 109 2.69 -21.15 30.59
N ALA D 110 3.95 -21.06 30.17
CA ALA D 110 4.23 -20.89 28.73
C ALA D 110 3.90 -22.22 28.02
N LEU D 111 4.47 -23.34 28.49
CA LEU D 111 4.16 -24.65 27.89
C LEU D 111 2.68 -24.94 27.88
N ARG D 112 1.97 -24.48 28.91
CA ARG D 112 0.52 -24.72 28.99
C ARG D 112 -0.18 -23.86 27.98
N GLU D 113 0.05 -22.57 28.04
CA GLU D 113 -0.60 -21.62 27.09
C GLU D 113 -0.19 -21.87 25.61
N LEU D 114 0.99 -22.43 25.34
CA LEU D 114 1.33 -22.79 23.96
C LEU D 114 0.55 -24.04 23.53
N GLU D 115 0.54 -25.12 24.34
CA GLU D 115 -0.35 -26.27 24.07
C GLU D 115 -1.85 -25.87 23.98
N GLU D 116 -2.32 -24.99 24.88
CA GLU D 116 -3.68 -24.48 24.76
C GLU D 116 -3.97 -23.79 23.47
N GLU D 117 -3.11 -22.85 23.05
CA GLU D 117 -3.46 -21.93 21.95
C GLU D 117 -3.06 -22.45 20.58
N THR D 118 -2.11 -23.38 20.56
CA THR D 118 -1.59 -23.96 19.35
C THR D 118 -1.68 -25.50 19.25
N GLY D 119 -1.86 -26.20 20.35
CA GLY D 119 -1.80 -27.67 20.33
C GLY D 119 -0.43 -28.24 20.53
N TYR D 120 0.66 -27.45 20.41
CA TYR D 120 1.98 -28.06 20.44
C TYR D 120 2.57 -28.30 21.84
N LYS D 121 3.51 -29.23 21.94
CA LYS D 121 4.16 -29.66 23.18
C LYS D 121 5.59 -29.23 23.01
N GLY D 122 5.95 -28.20 23.79
CA GLY D 122 7.21 -27.50 23.73
C GLY D 122 8.26 -28.11 24.63
N ASP D 123 9.47 -27.64 24.46
CA ASP D 123 10.60 -27.92 25.37
C ASP D 123 11.19 -26.54 25.66
N ILE D 124 11.36 -26.19 26.95
CA ILE D 124 11.75 -24.84 27.29
C ILE D 124 13.20 -24.65 26.92
N ALA D 125 13.46 -23.63 26.10
CA ALA D 125 14.82 -23.27 25.73
C ALA D 125 15.36 -22.19 26.69
N GLU D 126 14.54 -21.22 27.04
CA GLU D 126 15.00 -20.08 27.90
C GLU D 126 13.81 -19.24 28.34
N CYS D 127 14.02 -18.41 29.37
CA CYS D 127 12.91 -17.58 29.94
C CYS D 127 13.45 -16.24 30.44
N SER D 128 12.79 -15.15 30.02
CA SER D 128 13.25 -13.78 30.35
C SER D 128 12.87 -13.45 31.79
N PRO D 129 13.57 -12.47 32.38
CA PRO D 129 13.00 -11.87 33.57
C PRO D 129 11.74 -11.08 33.18
N ALA D 130 11.00 -10.56 34.15
CA ALA D 130 9.82 -9.75 33.86
C ALA D 130 10.23 -8.48 33.11
N VAL D 131 9.47 -8.19 32.04
CA VAL D 131 9.85 -7.11 31.10
C VAL D 131 8.56 -6.37 30.93
N CYS D 132 8.67 -5.06 30.77
CA CYS D 132 7.59 -4.14 30.86
C CYS D 132 6.93 -3.95 29.48
N MET D 133 5.61 -3.87 29.50
CA MET D 133 4.83 -3.84 28.26
C MET D 133 4.68 -2.45 27.63
N ASP D 134 4.47 -1.44 28.43
CA ASP D 134 4.37 -0.05 27.99
C ASP D 134 4.59 0.78 29.25
N PRO D 135 5.88 1.02 29.63
CA PRO D 135 6.08 1.51 30.97
C PRO D 135 5.63 2.93 31.21
N GLY D 136 5.53 3.77 30.18
CA GLY D 136 4.98 5.10 30.31
C GLY D 136 3.44 5.12 30.52
N LEU D 137 2.78 3.99 30.39
CA LEU D 137 1.36 3.90 30.55
C LEU D 137 0.95 3.00 31.71
N SER D 138 1.57 1.84 31.85
CA SER D 138 1.08 0.83 32.75
C SER D 138 2.23 0.12 33.43
N ASN D 139 1.92 -0.78 34.35
CA ASN D 139 2.97 -1.45 35.08
C ASN D 139 3.03 -2.85 34.63
N CYS D 140 2.33 -3.17 33.55
CA CYS D 140 2.21 -4.55 33.17
C CYS D 140 3.58 -5.08 32.70
N THR D 141 3.84 -6.29 33.12
CA THR D 141 5.02 -7.01 32.76
C THR D 141 4.62 -8.41 32.33
N ILE D 142 5.48 -9.03 31.54
CA ILE D 142 5.43 -10.43 31.22
C ILE D 142 6.84 -11.03 31.31
N HIS D 143 6.92 -12.35 31.29
CA HIS D 143 8.11 -13.06 30.90
C HIS D 143 7.89 -13.44 29.45
N ILE D 144 8.96 -13.25 28.68
CA ILE D 144 9.08 -13.86 27.34
C ILE D 144 9.82 -15.18 27.42
N VAL D 145 9.12 -16.25 27.00
CA VAL D 145 9.61 -17.58 27.12
C VAL D 145 9.86 -18.17 25.73
N THR D 146 11.12 -18.58 25.46
CA THR D 146 11.50 -19.18 24.18
C THR D 146 11.27 -20.71 24.27
N VAL D 147 10.53 -21.27 23.32
CA VAL D 147 10.13 -22.71 23.38
C VAL D 147 10.30 -23.43 22.01
N THR D 148 11.05 -24.54 22.00
CA THR D 148 11.29 -25.32 20.77
C THR D 148 10.27 -26.43 20.71
N ILE D 149 9.90 -26.81 19.49
CA ILE D 149 8.87 -27.82 19.29
C ILE D 149 9.58 -28.89 18.49
N ASN D 150 9.44 -30.15 18.91
CA ASN D 150 10.10 -31.27 18.22
C ASN D 150 9.05 -31.82 17.27
N GLY D 151 9.02 -31.30 16.02
CA GLY D 151 7.96 -31.60 15.04
C GLY D 151 8.13 -32.93 14.30
N ASP D 152 9.22 -33.64 14.61
CA ASP D 152 9.42 -35.06 14.28
C ASP D 152 8.94 -35.98 15.41
N ASP D 153 8.23 -35.40 16.39
CA ASP D 153 7.50 -36.20 17.38
C ASP D 153 6.09 -36.31 16.85
N ALA D 154 5.63 -37.56 16.81
CA ALA D 154 4.23 -37.93 16.59
C ALA D 154 3.25 -36.90 17.26
N GLU D 155 3.45 -36.62 18.55
CA GLU D 155 2.53 -35.79 19.34
C GLU D 155 2.38 -34.40 18.75
N ASN D 156 3.43 -33.95 18.04
CA ASN D 156 3.41 -32.69 17.24
C ASN D 156 3.20 -32.78 15.72
N ALA D 157 2.68 -33.91 15.23
CA ALA D 157 2.53 -34.14 13.80
C ALA D 157 1.45 -33.26 13.16
N ARG D 158 0.40 -32.98 13.94
CA ARG D 158 -0.73 -32.19 13.47
C ARG D 158 -1.73 -31.95 14.58
N PRO D 159 -1.30 -31.31 15.68
CA PRO D 159 -2.13 -31.06 16.85
C PRO D 159 -3.14 -29.92 16.63
N LYS D 160 -4.14 -29.83 17.51
CA LYS D 160 -5.21 -28.84 17.40
C LYS D 160 -5.44 -28.11 18.73
N PRO D 161 -5.85 -26.83 18.65
CA PRO D 161 -5.96 -25.93 19.78
C PRO D 161 -7.08 -26.32 20.75
N LYS D 162 -6.81 -26.24 22.05
CA LYS D 162 -7.83 -26.49 23.12
C LYS D 162 -8.16 -25.17 23.91
N PRO D 163 -9.07 -24.36 23.38
CA PRO D 163 -9.37 -23.12 24.11
C PRO D 163 -10.23 -23.29 25.37
N GLY D 164 -10.09 -22.32 26.28
CA GLY D 164 -11.12 -22.06 27.30
C GLY D 164 -12.32 -21.45 26.62
N ASP D 165 -13.36 -21.13 27.39
CA ASP D 165 -14.56 -20.49 26.84
C ASP D 165 -14.15 -19.06 26.48
N GLY D 166 -14.67 -18.53 25.39
CA GLY D 166 -14.28 -17.21 24.89
C GLY D 166 -12.89 -17.05 24.29
N GLU D 167 -12.25 -18.17 23.93
CA GLU D 167 -10.92 -18.17 23.29
C GLU D 167 -11.00 -18.75 21.87
N PHE D 168 -10.81 -17.86 20.88
CA PHE D 168 -10.87 -18.20 19.45
C PHE D 168 -9.56 -17.74 18.88
N VAL D 169 -8.73 -18.68 18.43
CA VAL D 169 -7.38 -18.35 18.03
C VAL D 169 -6.99 -19.16 16.80
N GLU D 170 -6.55 -18.49 15.71
CA GLU D 170 -5.92 -19.21 14.56
C GLU D 170 -4.41 -19.32 14.76
N VAL D 171 -3.83 -20.49 14.54
CA VAL D 171 -2.41 -20.71 14.49
C VAL D 171 -1.94 -20.25 13.08
N ILE D 172 -0.87 -19.43 13.03
CA ILE D 172 -0.22 -18.91 11.77
C ILE D 172 1.26 -19.25 11.88
N SER D 173 1.67 -20.37 11.32
CA SER D 173 3.05 -20.74 11.35
C SER D 173 3.73 -20.04 10.14
N LEU D 174 4.78 -19.28 10.40
CA LEU D 174 5.53 -18.56 9.35
C LEU D 174 6.95 -18.94 9.31
N PRO D 175 7.54 -18.83 8.10
CA PRO D 175 8.93 -19.16 8.02
C PRO D 175 9.62 -18.10 8.88
N LYS D 176 10.48 -18.57 9.76
CA LYS D 176 11.39 -17.73 10.49
C LYS D 176 12.24 -16.86 9.48
N ASN D 177 12.61 -17.48 8.35
CA ASN D 177 13.45 -16.84 7.33
C ASN D 177 12.90 -15.64 6.57
N ASP D 178 11.60 -15.41 6.61
CA ASP D 178 11.05 -14.30 5.92
C ASP D 178 10.00 -13.70 6.77
N LEU D 179 10.18 -13.78 8.11
CA LEU D 179 9.15 -13.26 8.99
C LEU D 179 8.70 -11.84 8.77
N LEU D 180 9.66 -10.92 8.70
CA LEU D 180 9.28 -9.55 8.56
C LEU D 180 8.49 -9.28 7.26
N GLN D 181 8.92 -9.90 6.16
CA GLN D 181 8.29 -9.66 4.82
C GLN D 181 6.88 -10.24 4.81
N ARG D 182 6.77 -11.46 5.34
CA ARG D 182 5.47 -12.15 5.48
C ARG D 182 4.57 -11.41 6.36
N LEU D 183 5.07 -10.88 7.47
CA LEU D 183 4.28 -9.93 8.25
C LEU D 183 3.88 -8.72 7.53
N ASP D 184 4.81 -8.09 6.81
CA ASP D 184 4.40 -6.84 6.11
C ASP D 184 3.36 -7.22 5.03
N ALA D 185 3.47 -8.41 4.39
CA ALA D 185 2.52 -8.88 3.34
C ALA D 185 1.12 -9.02 3.95
N LEU D 186 1.03 -9.70 5.12
CA LEU D 186 -0.26 -9.79 5.82
C LEU D 186 -0.86 -8.42 6.06
N VAL D 187 -0.07 -7.44 6.46
CA VAL D 187 -0.59 -6.12 6.83
C VAL D 187 -0.97 -5.28 5.64
N ALA D 188 -0.33 -5.56 4.51
CA ALA D 188 -0.69 -4.83 3.29
C ALA D 188 -2.07 -5.29 2.75
N GLU D 189 -2.49 -6.55 2.96
CA GLU D 189 -3.81 -6.98 2.44
C GLU D 189 -4.97 -6.87 3.44
N GLU D 190 -4.71 -6.96 4.73
CA GLU D 190 -5.80 -7.19 5.67
C GLU D 190 -6.05 -6.18 6.77
N HIS D 191 -7.26 -6.26 7.28
CA HIS D 191 -7.71 -5.55 8.44
C HIS D 191 -7.13 -6.29 9.64
N LEU D 192 -5.89 -5.96 10.00
CA LEU D 192 -5.22 -6.67 11.09
C LEU D 192 -3.90 -5.99 11.45
N THR D 193 -3.50 -6.12 12.73
CA THR D 193 -2.33 -5.46 13.33
C THR D 193 -1.34 -6.50 13.90
N VAL D 194 -0.07 -6.20 13.72
CA VAL D 194 0.97 -7.13 14.10
C VAL D 194 1.35 -6.50 15.42
N ASP D 195 1.71 -7.36 16.35
CA ASP D 195 2.13 -6.90 17.66
C ASP D 195 3.55 -6.31 17.57
N ALA D 196 3.79 -5.31 18.40
CA ALA D 196 5.12 -4.64 18.46
C ALA D 196 6.26 -5.55 18.84
N ARG D 197 6.00 -6.52 19.71
N ARG D 197 6.01 -6.52 19.73
CA ARG D 197 7.04 -7.47 20.09
CA ARG D 197 7.04 -7.52 20.11
C ARG D 197 7.35 -8.46 18.96
C ARG D 197 7.36 -8.42 18.93
N VAL D 198 6.32 -8.84 18.18
CA VAL D 198 6.51 -9.76 17.06
C VAL D 198 7.36 -9.05 15.95
N TYR D 199 7.03 -7.82 15.75
CA TYR D 199 7.62 -6.96 14.75
C TYR D 199 9.04 -6.63 15.15
N SER D 200 9.27 -6.26 16.43
CA SER D 200 10.65 -6.05 16.89
C SER D 200 11.44 -7.33 16.69
N TYR D 201 10.88 -8.54 17.00
CA TYR D 201 11.54 -9.84 16.77
C TYR D 201 11.94 -10.02 15.31
N ALA D 202 10.97 -9.80 14.45
CA ALA D 202 11.11 -9.94 13.00
C ALA D 202 12.23 -8.95 12.44
N LEU D 203 12.17 -7.68 12.85
CA LEU D 203 13.19 -6.69 12.52
C LEU D 203 14.56 -7.17 12.86
N ALA D 204 14.72 -7.61 14.12
CA ALA D 204 16.00 -8.15 14.57
C ALA D 204 16.53 -9.39 13.81
N LEU D 205 15.65 -10.22 13.23
CA LEU D 205 16.14 -11.37 12.44
C LEU D 205 16.82 -10.89 11.14
N LYS D 206 16.42 -9.71 10.69
CA LYS D 206 17.04 -9.11 9.54
C LYS D 206 18.24 -8.29 9.96
N HIS D 207 18.16 -7.56 11.08
CA HIS D 207 19.35 -6.77 11.55
C HIS D 207 20.55 -7.52 12.04
N ALA D 208 20.35 -8.76 12.47
CA ALA D 208 21.45 -9.60 12.94
C ALA D 208 22.61 -9.74 12.00
N ASN D 209 23.81 -9.80 12.57
CA ASN D 209 25.14 -9.69 11.90
C ASN D 209 25.59 -8.24 11.69
MG MG E . -7.71 -9.97 -23.33
MG MG F . -9.67 -12.70 -23.85
CL CL G . -2.39 17.02 -8.31
N1 K3J H . -3.18 -11.68 -35.12
C4 K3J H . -4.89 -11.81 -33.49
C5 K3J H . -3.98 -12.42 -34.34
C6 K3J H . -3.87 -13.91 -34.46
N K3J H . -4.07 -8.30 -34.34
C K3J H . -4.82 -6.01 -33.77
C1 K3J H . -4.86 -7.46 -33.40
C2 K3J H . -4.14 -9.67 -34.32
C3 K3J H . -4.99 -10.42 -33.46
N2 K3J H . -3.26 -10.37 -35.14
N1 K3J I . -1.66 12.51 -41.12
C4 K3J I . -0.76 13.50 -39.12
C5 K3J I . -1.18 13.61 -40.44
C6 K3J I . -1.20 14.95 -41.12
N K3J I . -1.60 9.94 -38.59
C K3J I . -1.35 8.24 -36.82
C1 K3J I . -1.27 9.70 -37.19
C2 K3J I . -1.39 11.16 -39.19
C3 K3J I . -0.85 12.29 -38.47
N2 K3J I . -1.77 11.34 -40.56
C1 EDO J . -9.43 -1.99 -29.09
O1 EDO J . -8.21 -1.78 -29.83
C2 EDO J . -9.12 -2.83 -27.84
O2 EDO J . -8.48 -2.01 -26.86
C1 EDO K . -2.66 27.63 -6.08
O1 EDO K . -1.46 27.61 -6.87
C2 EDO K . -3.27 29.03 -6.06
O2 EDO K . -4.36 29.17 -6.98
MG MG L . -2.57 17.20 -29.18
MG MG M . -0.21 21.47 -29.84
C1 EDO N . 0.60 7.73 -29.25
O1 EDO N . -0.26 7.10 -30.24
C2 EDO N . -0.08 9.01 -28.78
O2 EDO N . -1.27 8.67 -28.07
C1 EDO O . 26.14 12.01 9.43
O1 EDO O . 25.45 12.15 10.68
C2 EDO O . 25.33 11.13 8.46
O2 EDO O . 24.49 11.94 7.64
MG MG P . 10.43 12.29 24.73
MG MG Q . 10.45 9.34 25.64
N1 K3J R . 1.08 12.66 33.58
C4 K3J R . 2.28 12.98 31.54
C5 K3J R . 1.89 13.44 32.81
C6 K3J R . 2.35 14.73 33.38
N K3J R . 0.53 9.71 31.69
C K3J R . -0.14 7.89 30.25
C1 K3J R . 0.81 9.04 30.45
C2 K3J R . 1.02 10.96 31.98
C3 K3J R . 1.87 11.74 31.11
N2 K3J R . 0.65 11.48 33.23
N1 K3J S . -12.85 -6.57 30.80
C4 K3J S . -12.12 -8.89 30.53
C5 K3J S . -13.16 -7.94 30.70
C6 K3J S . -14.64 -8.27 30.78
N K3J S . -9.34 -6.38 30.64
C K3J S . -6.94 -6.11 30.35
C1 K3J S . -8.07 -7.11 30.63
C2 K3J S . -10.56 -7.01 30.58
C3 K3J S . -10.78 -8.42 30.47
N2 K3J S . -11.66 -6.14 30.73
C1 EDO T . 3.15 5.14 23.33
O1 EDO T . 4.07 4.32 24.06
C2 EDO T . 1.81 4.44 23.39
O2 EDO T . 1.50 4.16 24.79
MG MG U . -4.08 -15.90 24.89
MG MG V . -4.45 -16.67 26.91
#